data_6SKJ
#
_entry.id   6SKJ
#
_cell.length_a   92.965
_cell.length_b   58.270
_cell.length_c   154.132
_cell.angle_alpha   90.000
_cell.angle_beta   90.920
_cell.angle_gamma   90.000
#
_symmetry.space_group_name_H-M   'C 1 2 1'
#
loop_
_entity.id
_entity.type
_entity.pdbx_description
1 polymer 'Glycylpeptide N-tetradecanoyltransferase 1'
2 polymer 'Apoptosis-inducing factor 3'
3 non-polymer GLYCEROL
4 non-polymer 'COENZYME A'
5 non-polymer 'MAGNESIUM ION'
6 non-polymer TETRADECANOYL-COA
7 non-polymer 'MYRISTIC ACID'
8 water water
#
loop_
_entity_poly.entity_id
_entity_poly.type
_entity_poly.pdbx_seq_one_letter_code
_entity_poly.pdbx_strand_id
1 'polypeptide(L)'
;GGSEFSVGQGPAKTMEEASKRSYQFWDTQPVPKLGEVVNTHGPVEPDKDNIRQEPYTLPQGFTWDALDLGDRGVLKELYT
LLNENYVEDDDNMFRFDYSPEFLLWALRPPGWLPQWHCGVRVVSSRKLVGFISAIPANIHIYDTEKKMVEINFLCVHKKL
RSKRVAPVLIREITRRVHLEGIFQAVYTAGVVLPKPVGTCRYWHRSLNPRKLIEVKFSHLSRNMTMQRTMKLYRLPETPK
TAGLRPMETKDIPVVHQLLTRYLKQFHLTPVMSQEEVEHWFYPQENIIDTFVVENANGEVTDFLSFYTLPSTIMNHPTHK
SLKAAYSFYNVHTQTPLLDLMSDALVLAKMKGFDVFNALDLMENKTFLEKLKFGIGDGNLQYYLYNWKCPSMGAEKVGLV
;
A,B
2 'polypeptide(L)' GNCFSKPR C,D
#
loop_
_chem_comp.id
_chem_comp.type
_chem_comp.name
_chem_comp.formula
COA non-polymer 'COENZYME A' 'C21 H36 N7 O16 P3 S'
GOL non-polymer GLYCEROL 'C3 H8 O3'
MG non-polymer 'MAGNESIUM ION' 'Mg 2'
MYA non-polymer TETRADECANOYL-COA 'C35 H62 N7 O17 P3 S'
MYR non-polymer 'MYRISTIC ACID' 'C14 H28 O2'
#
# COMPACT_ATOMS: atom_id res chain seq x y z
N GLY A 10 -1.00 26.89 25.89
CA GLY A 10 -1.61 25.63 26.27
C GLY A 10 -2.73 25.15 25.37
N PRO A 11 -3.24 23.94 25.61
CA PRO A 11 -4.33 23.43 24.77
C PRO A 11 -5.58 24.30 24.85
N ALA A 12 -6.42 24.18 23.80
CA ALA A 12 -7.69 24.89 23.70
C ALA A 12 -8.77 23.89 23.30
N LYS A 13 -9.89 23.91 24.03
CA LYS A 13 -10.92 22.90 23.88
C LYS A 13 -12.17 23.37 23.15
N THR A 14 -12.39 24.67 23.04
CA THR A 14 -13.47 25.23 22.23
C THR A 14 -12.87 26.11 21.14
N MET A 15 -13.60 26.25 20.03
CA MET A 15 -13.09 27.07 18.93
C MET A 15 -13.06 28.54 19.32
N GLU A 16 -14.04 28.99 20.10
CA GLU A 16 -13.98 30.32 20.69
C GLU A 16 -12.69 30.50 21.47
N GLU A 17 -12.35 29.52 22.31
CA GLU A 17 -11.05 29.53 22.98
C GLU A 17 -9.91 29.56 21.97
N ALA A 18 -10.07 28.88 20.84
CA ALA A 18 -8.96 28.70 19.91
C ALA A 18 -8.73 29.93 19.06
N SER A 19 -9.80 30.59 18.62
CA SER A 19 -9.66 31.75 17.73
C SER A 19 -8.91 32.90 18.38
N LYS A 20 -8.70 32.87 19.69
CA LYS A 20 -7.81 33.84 20.31
C LYS A 20 -6.36 33.41 20.25
N ARG A 21 -6.11 32.11 20.12
CA ARG A 21 -4.76 31.55 20.22
C ARG A 21 -3.99 31.72 18.92
N SER A 22 -2.67 31.77 19.05
CA SER A 22 -1.76 31.85 17.91
C SER A 22 -1.03 30.52 17.77
N TYR A 23 -0.99 29.98 16.54
CA TYR A 23 -0.48 28.63 16.31
C TYR A 23 0.89 28.73 15.64
N GLN A 24 1.92 28.84 16.50
CA GLN A 24 3.28 29.00 16.02
C GLN A 24 3.71 27.85 15.12
N PHE A 25 3.24 26.63 15.38
CA PHE A 25 3.60 25.49 14.56
C PHE A 25 2.64 25.26 13.40
N TRP A 26 1.33 25.21 13.67
CA TRP A 26 0.35 24.86 12.65
C TRP A 26 0.20 25.94 11.58
N ASP A 27 0.56 27.19 11.88
CA ASP A 27 0.59 28.21 10.84
C ASP A 27 1.66 27.91 9.79
N THR A 28 2.63 27.07 10.12
CA THR A 28 3.66 26.66 9.17
C THR A 28 3.32 25.35 8.45
N GLN A 29 2.12 24.79 8.70
CA GLN A 29 1.75 23.51 8.15
C GLN A 29 0.70 23.66 7.05
N PRO A 30 0.65 22.73 6.10
CA PRO A 30 -0.37 22.82 5.04
C PRO A 30 -1.74 22.41 5.53
N VAL A 31 -2.30 23.18 6.46
CA VAL A 31 -3.67 22.98 6.92
C VAL A 31 -4.41 24.30 6.82
N PRO A 32 -5.70 24.31 6.51
CA PRO A 32 -6.44 25.57 6.40
C PRO A 32 -6.42 26.33 7.73
N LYS A 33 -6.30 27.65 7.63
CA LYS A 33 -6.33 28.49 8.83
C LYS A 33 -7.68 28.37 9.52
N LEU A 34 -7.69 28.70 10.81
CA LEU A 34 -8.86 28.40 11.64
C LEU A 34 -10.10 29.17 11.18
N GLY A 35 -9.94 30.43 10.80
CA GLY A 35 -11.08 31.22 10.35
C GLY A 35 -11.47 31.01 8.90
N GLU A 36 -10.55 30.50 8.08
CA GLU A 36 -10.76 30.38 6.65
C GLU A 36 -11.99 29.55 6.33
N VAL A 37 -12.88 30.11 5.51
CA VAL A 37 -13.99 29.34 4.98
C VAL A 37 -13.51 28.58 3.76
N VAL A 38 -13.79 27.27 3.71
CA VAL A 38 -13.24 26.39 2.70
C VAL A 38 -14.37 25.95 1.77
N ASN A 39 -14.22 26.23 0.47
CA ASN A 39 -15.17 25.77 -0.53
C ASN A 39 -14.46 25.13 -1.72
N THR A 40 -13.15 24.92 -1.64
CA THR A 40 -12.42 24.21 -2.67
C THR A 40 -12.38 22.72 -2.34
N HIS A 41 -11.74 21.95 -3.23
CA HIS A 41 -11.62 20.51 -3.05
C HIS A 41 -10.26 20.07 -3.57
N GLY A 42 -9.36 19.73 -2.66
CA GLY A 42 -8.04 19.27 -3.06
C GLY A 42 -6.98 19.58 -2.04
N PRO A 43 -5.73 19.24 -2.36
CA PRO A 43 -4.63 19.44 -1.42
C PRO A 43 -4.34 20.92 -1.18
N VAL A 44 -3.55 21.16 -0.13
CA VAL A 44 -3.02 22.49 0.13
C VAL A 44 -1.63 22.67 -0.45
N GLU A 45 -0.93 21.58 -0.77
CA GLU A 45 0.47 21.58 -1.11
C GLU A 45 0.65 20.63 -2.28
N PRO A 46 1.42 21.01 -3.31
CA PRO A 46 1.80 20.05 -4.34
C PRO A 46 2.70 18.98 -3.75
N ASP A 47 2.52 17.75 -4.22
CA ASP A 47 3.36 16.66 -3.74
C ASP A 47 4.82 16.95 -4.02
N LYS A 48 5.66 16.68 -3.01
CA LYS A 48 7.07 17.03 -3.05
C LYS A 48 7.85 15.98 -3.82
N ASP A 49 8.69 16.43 -4.76
CA ASP A 49 9.42 15.53 -5.64
C ASP A 49 10.63 14.92 -4.94
N ASN A 50 11.20 15.60 -3.95
CA ASN A 50 12.27 15.02 -3.15
C ASN A 50 11.98 15.27 -1.68
N ILE A 51 12.25 14.26 -0.85
CA ILE A 51 11.95 14.31 0.58
C ILE A 51 13.25 14.31 1.35
N ARG A 52 13.30 15.08 2.43
CA ARG A 52 14.48 15.15 3.29
C ARG A 52 14.90 13.74 3.73
N GLN A 53 16.15 13.38 3.41
CA GLN A 53 16.66 12.07 3.81
C GLN A 53 17.02 12.00 5.28
N GLU A 54 17.41 13.09 5.86
CA GLU A 54 17.89 13.04 7.24
C GLU A 54 16.72 13.17 8.23
N PRO A 55 16.77 12.45 9.34
CA PRO A 55 15.79 12.70 10.41
C PRO A 55 15.93 14.11 10.95
N TYR A 56 14.85 14.66 11.49
CA TYR A 56 14.92 15.98 12.07
C TYR A 56 15.73 15.96 13.36
N THR A 57 16.22 17.13 13.76
CA THR A 57 17.09 17.23 14.91
C THR A 57 16.25 17.29 16.19
N LEU A 58 16.49 16.35 17.08
CA LEU A 58 15.91 16.35 18.42
C LEU A 58 16.77 17.17 19.36
N PRO A 59 16.19 17.70 20.44
CA PRO A 59 17.00 18.42 21.43
C PRO A 59 18.12 17.52 21.96
N GLN A 60 19.21 18.16 22.38
CA GLN A 60 20.37 17.44 22.87
C GLN A 60 19.98 16.46 23.97
N GLY A 61 20.46 15.24 23.84
CA GLY A 61 20.15 14.18 24.80
C GLY A 61 19.00 13.28 24.44
N PHE A 62 18.50 13.35 23.21
CA PHE A 62 17.39 12.51 22.77
C PHE A 62 17.65 12.03 21.35
N THR A 63 17.17 10.83 21.05
CA THR A 63 17.48 10.17 19.79
C THR A 63 16.24 9.48 19.23
N TRP A 64 16.25 9.27 17.92
CA TRP A 64 15.16 8.57 17.25
C TRP A 64 15.33 7.07 17.41
N ASP A 65 14.19 6.36 17.47
CA ASP A 65 14.21 4.90 17.47
C ASP A 65 12.87 4.39 16.99
N ALA A 66 12.89 3.50 16.00
CA ALA A 66 11.68 2.85 15.53
C ALA A 66 11.38 1.66 16.44
N LEU A 67 10.14 1.54 16.88
CA LEU A 67 9.80 0.52 17.86
C LEU A 67 9.28 -0.73 17.15
N ASP A 68 9.91 -1.85 17.42
CA ASP A 68 9.53 -3.15 16.86
C ASP A 68 8.60 -3.82 17.87
N LEU A 69 7.31 -3.55 17.75
CA LEU A 69 6.32 -4.12 18.64
C LEU A 69 6.21 -5.65 18.54
N GLY A 70 6.96 -6.34 17.68
CA GLY A 70 7.09 -7.78 17.80
C GLY A 70 7.99 -8.18 18.95
N ASP A 71 8.98 -7.35 19.27
CA ASP A 71 9.71 -7.49 20.52
C ASP A 71 8.77 -7.14 21.67
N ARG A 72 8.47 -8.15 22.51
CA ARG A 72 7.53 -7.92 23.61
C ARG A 72 8.10 -6.92 24.61
N GLY A 73 9.41 -6.84 24.75
CA GLY A 73 9.99 -5.85 25.64
C GLY A 73 9.73 -4.43 25.16
N VAL A 74 9.93 -4.18 23.87
CA VAL A 74 9.70 -2.85 23.33
C VAL A 74 8.22 -2.49 23.41
N LEU A 75 7.35 -3.41 22.99
CA LEU A 75 5.91 -3.21 23.15
C LEU A 75 5.55 -2.91 24.59
N LYS A 76 6.23 -3.57 25.54
CA LYS A 76 6.02 -3.27 26.95
C LYS A 76 6.44 -1.85 27.28
N GLU A 77 7.53 -1.38 26.67
CA GLU A 77 7.93 0.01 26.86
C GLU A 77 6.89 0.97 26.30
N LEU A 78 6.24 0.60 25.20
CA LEU A 78 5.28 1.50 24.56
C LEU A 78 4.04 1.68 25.44
N TYR A 79 3.45 0.58 25.93
CA TYR A 79 2.23 0.72 26.70
C TYR A 79 2.51 1.35 28.05
N THR A 80 3.67 1.05 28.65
CA THR A 80 4.05 1.70 29.89
C THR A 80 4.15 3.21 29.72
N LEU A 81 4.79 3.65 28.64
CA LEU A 81 4.79 5.07 28.30
C LEU A 81 3.36 5.60 28.17
N LEU A 82 2.56 4.93 27.33
CA LEU A 82 1.20 5.39 27.09
C LEU A 82 0.35 5.29 28.35
N ASN A 83 0.46 4.20 29.09
CA ASN A 83 -0.37 4.05 30.28
C ASN A 83 0.02 5.01 31.40
N GLU A 84 1.14 5.71 31.28
CA GLU A 84 1.55 6.66 32.30
C GLU A 84 1.55 8.11 31.84
N ASN A 85 1.48 8.37 30.53
CA ASN A 85 1.61 9.72 30.02
C ASN A 85 0.63 10.05 28.88
N TYR A 86 -0.34 9.21 28.57
CA TYR A 86 -1.22 9.47 27.44
C TYR A 86 -2.49 10.19 27.90
N VAL A 87 -3.48 10.28 27.00
CA VAL A 87 -4.61 11.19 27.15
C VAL A 87 -5.29 11.03 28.51
N GLU A 88 -5.59 12.18 29.13
CA GLU A 88 -6.34 12.25 30.38
C GLU A 88 -7.59 13.08 30.17
N ASP A 89 -8.51 12.98 31.14
CA ASP A 89 -9.75 13.74 31.08
C ASP A 89 -9.52 15.17 31.56
N ASP A 90 -10.58 15.98 31.52
CA ASP A 90 -10.47 17.39 31.86
C ASP A 90 -9.96 17.60 33.28
N ASP A 91 -10.29 16.69 34.19
CA ASP A 91 -10.03 16.89 35.62
C ASP A 91 -8.89 16.01 36.15
N ASN A 92 -8.19 15.29 35.28
CA ASN A 92 -7.06 14.45 35.68
C ASN A 92 -7.48 13.45 36.75
N MET A 93 -8.40 12.56 36.35
CA MET A 93 -8.91 11.53 37.22
C MET A 93 -8.80 10.17 36.54
N PHE A 94 -8.91 10.16 35.21
CA PHE A 94 -8.90 8.93 34.42
C PHE A 94 -7.87 9.05 33.30
N ARG A 95 -7.22 7.93 33.02
CA ARG A 95 -6.26 7.82 31.92
C ARG A 95 -6.44 6.45 31.28
N PHE A 96 -6.42 6.42 29.94
CA PHE A 96 -6.61 5.18 29.21
C PHE A 96 -5.62 4.11 29.67
N ASP A 97 -6.04 2.87 29.59
CA ASP A 97 -5.22 1.71 29.97
C ASP A 97 -5.09 0.82 28.74
N TYR A 98 -4.17 1.20 27.85
CA TYR A 98 -3.94 0.45 26.61
C TYR A 98 -3.21 -0.85 26.93
N SER A 99 -3.82 -1.97 26.58
CA SER A 99 -3.20 -3.27 26.75
C SER A 99 -2.22 -3.53 25.61
N PRO A 100 -1.27 -4.44 25.79
CA PRO A 100 -0.32 -4.74 24.69
C PRO A 100 -1.02 -5.32 23.48
N GLU A 101 -1.94 -6.27 23.70
CA GLU A 101 -2.65 -6.90 22.59
C GLU A 101 -3.55 -5.90 21.87
N PHE A 102 -4.00 -4.85 22.58
CA PHE A 102 -4.82 -3.82 21.93
C PHE A 102 -3.97 -2.96 21.00
N LEU A 103 -2.78 -2.56 21.44
CA LEU A 103 -1.95 -1.70 20.62
C LEU A 103 -1.49 -2.40 19.36
N LEU A 104 -1.17 -3.70 19.45
CA LEU A 104 -0.90 -4.48 18.24
C LEU A 104 -2.08 -4.42 17.28
N TRP A 105 -3.30 -4.42 17.80
CA TRP A 105 -4.49 -4.29 16.97
C TRP A 105 -4.52 -2.93 16.28
N ALA A 106 -4.25 -1.87 17.03
CA ALA A 106 -4.36 -0.53 16.46
C ALA A 106 -3.12 -0.10 15.70
N LEU A 107 -1.99 -0.78 15.88
CA LEU A 107 -0.72 -0.34 15.32
C LEU A 107 -0.14 -1.27 14.28
N ARG A 108 -0.64 -2.50 14.15
CA ARG A 108 -0.25 -3.40 13.07
C ARG A 108 -1.47 -3.89 12.28
N PRO A 109 -2.22 -2.99 11.67
CA PRO A 109 -3.22 -3.42 10.69
C PRO A 109 -2.53 -3.77 9.38
N PRO A 110 -3.26 -4.28 8.39
CA PRO A 110 -2.63 -4.59 7.11
C PRO A 110 -1.92 -3.37 6.53
N GLY A 111 -0.65 -3.55 6.20
CA GLY A 111 0.13 -2.51 5.58
C GLY A 111 1.00 -1.69 6.51
N TRP A 112 1.07 -2.05 7.79
CA TRP A 112 1.87 -1.29 8.73
C TRP A 112 3.35 -1.35 8.37
N LEU A 113 4.08 -0.29 8.73
CA LEU A 113 5.51 -0.21 8.51
C LEU A 113 6.22 0.07 9.83
N PRO A 114 7.32 -0.61 10.12
CA PRO A 114 8.01 -0.40 11.40
C PRO A 114 8.55 1.02 11.58
N GLN A 115 8.98 1.68 10.50
CA GLN A 115 9.47 3.03 10.62
C GLN A 115 8.36 4.03 10.91
N TRP A 116 7.11 3.60 10.86
CA TRP A 116 5.98 4.42 11.28
C TRP A 116 5.62 4.19 12.75
N HIS A 117 6.40 3.39 13.48
CA HIS A 117 6.27 3.30 14.93
C HIS A 117 7.40 4.10 15.55
N CYS A 118 7.25 5.42 15.43
CA CYS A 118 8.30 6.38 15.70
C CYS A 118 8.34 6.71 17.19
N GLY A 119 9.46 6.39 17.84
CA GLY A 119 9.63 6.67 19.24
C GLY A 119 10.89 7.49 19.49
N VAL A 120 10.88 8.18 20.63
CA VAL A 120 12.00 9.01 21.07
C VAL A 120 12.54 8.44 22.37
N ARG A 121 13.86 8.25 22.43
CA ARG A 121 14.52 7.69 23.61
C ARG A 121 15.57 8.66 24.12
N VAL A 122 15.72 8.70 25.45
CA VAL A 122 16.82 9.43 26.05
C VAL A 122 18.13 8.75 25.69
N VAL A 123 19.07 9.52 25.15
CA VAL A 123 20.30 8.94 24.60
C VAL A 123 21.02 8.11 25.65
N SER A 124 21.30 8.71 26.80
CA SER A 124 22.11 8.04 27.82
C SER A 124 21.42 6.80 28.36
N SER A 125 20.13 6.90 28.70
CA SER A 125 19.42 5.81 29.37
C SER A 125 18.62 4.92 28.43
N ARG A 126 18.36 5.36 27.20
CA ARG A 126 17.48 4.68 26.24
C ARG A 126 16.03 4.64 26.68
N LYS A 127 15.69 5.37 27.75
CA LYS A 127 14.31 5.40 28.23
C LYS A 127 13.39 5.98 27.17
N LEU A 128 12.31 5.27 26.87
CA LEU A 128 11.32 5.75 25.92
C LEU A 128 10.55 6.94 26.50
N VAL A 129 10.63 8.09 25.82
CA VAL A 129 10.03 9.32 26.32
C VAL A 129 9.10 9.98 25.30
N GLY A 130 8.93 9.40 24.11
CA GLY A 130 8.10 10.02 23.10
C GLY A 130 7.65 9.00 22.08
N PHE A 131 6.53 9.30 21.42
CA PHE A 131 6.00 8.37 20.44
C PHE A 131 5.03 9.07 19.51
N ILE A 132 4.94 8.56 18.28
CA ILE A 132 3.90 8.92 17.33
C ILE A 132 3.82 7.79 16.30
N SER A 133 2.66 7.63 15.68
CA SER A 133 2.47 6.48 14.81
C SER A 133 1.72 6.87 13.55
N ALA A 134 1.88 6.04 12.52
CA ALA A 134 1.15 6.17 11.27
C ALA A 134 0.79 4.77 10.78
N ILE A 135 -0.48 4.58 10.43
CA ILE A 135 -0.93 3.34 9.81
C ILE A 135 -1.58 3.71 8.47
N PRO A 136 -1.41 2.91 7.43
CA PRO A 136 -2.01 3.27 6.14
C PRO A 136 -3.52 3.08 6.16
N ALA A 137 -4.22 3.94 5.42
CA ALA A 137 -5.66 3.84 5.28
C ALA A 137 -6.10 4.55 4.02
N ASN A 138 -6.99 3.92 3.27
CA ASN A 138 -7.64 4.57 2.13
C ASN A 138 -8.88 5.30 2.64
N ILE A 139 -8.94 6.60 2.39
CA ILE A 139 -9.98 7.47 2.94
C ILE A 139 -10.82 8.01 1.80
N HIS A 140 -12.15 7.92 1.97
CA HIS A 140 -13.10 8.56 1.07
C HIS A 140 -13.53 9.88 1.72
N ILE A 141 -13.17 11.00 1.09
CA ILE A 141 -13.55 12.33 1.55
C ILE A 141 -14.34 13.00 0.43
N TYR A 142 -15.63 13.21 0.66
CA TYR A 142 -16.55 13.73 -0.35
C TYR A 142 -16.51 12.86 -1.60
N ASP A 143 -15.89 13.36 -2.67
CA ASP A 143 -15.86 12.68 -3.95
C ASP A 143 -14.44 12.31 -4.40
N THR A 144 -13.52 12.17 -3.45
CA THR A 144 -12.16 11.75 -3.75
C THR A 144 -11.80 10.58 -2.85
N GLU A 145 -11.30 9.51 -3.46
CA GLU A 145 -10.76 8.36 -2.74
C GLU A 145 -9.24 8.46 -2.83
N LYS A 146 -8.60 8.72 -1.69
CA LYS A 146 -7.16 8.96 -1.65
C LYS A 146 -6.55 8.09 -0.56
N LYS A 147 -5.31 7.65 -0.80
CA LYS A 147 -4.58 6.91 0.22
C LYS A 147 -3.92 7.88 1.18
N MET A 148 -4.18 7.70 2.47
CA MET A 148 -3.62 8.53 3.52
C MET A 148 -3.06 7.63 4.61
N VAL A 149 -2.58 8.25 5.69
CA VAL A 149 -2.22 7.54 6.90
C VAL A 149 -3.04 8.14 8.03
N GLU A 150 -3.37 7.29 9.01
CA GLU A 150 -4.06 7.74 10.20
C GLU A 150 -3.01 7.89 11.31
N ILE A 151 -2.81 9.12 11.77
CA ILE A 151 -1.81 9.42 12.79
C ILE A 151 -2.45 9.22 14.15
N ASN A 152 -1.76 8.47 15.02
CA ASN A 152 -2.34 8.09 16.31
C ASN A 152 -1.24 7.97 17.35
N PHE A 153 -1.64 8.14 18.61
CA PHE A 153 -0.79 7.90 19.78
C PHE A 153 0.35 8.91 19.90
N LEU A 154 0.12 10.16 19.51
CA LEU A 154 1.07 11.21 19.82
C LEU A 154 1.22 11.34 21.32
N CYS A 155 2.46 11.26 21.81
CA CYS A 155 2.67 11.23 23.26
C CYS A 155 4.09 11.70 23.56
N VAL A 156 4.20 12.77 24.35
CA VAL A 156 5.46 13.21 24.93
C VAL A 156 5.40 12.95 26.43
N HIS A 157 6.48 12.39 26.97
CA HIS A 157 6.54 12.07 28.39
C HIS A 157 6.30 13.32 29.23
N LYS A 158 5.70 13.13 30.40
CA LYS A 158 5.31 14.25 31.24
C LYS A 158 6.50 15.13 31.62
N LYS A 159 7.69 14.53 31.77
CA LYS A 159 8.88 15.29 32.13
C LYS A 159 9.42 16.11 30.97
N LEU A 160 8.95 15.89 29.75
CA LEU A 160 9.42 16.60 28.56
C LEU A 160 8.38 17.55 27.99
N ARG A 161 7.27 17.77 28.69
CA ARG A 161 6.16 18.53 28.12
C ARG A 161 6.53 20.00 27.93
N SER A 162 5.92 20.60 26.92
CA SER A 162 6.00 22.03 26.61
C SER A 162 7.41 22.46 26.18
N LYS A 163 8.19 21.53 25.64
CA LYS A 163 9.54 21.82 25.13
C LYS A 163 9.62 21.71 23.61
N ARG A 164 8.45 21.79 22.94
CA ARG A 164 8.38 21.73 21.48
CA ARG A 164 8.36 21.73 21.47
C ARG A 164 8.97 20.43 20.93
N VAL A 165 8.64 19.31 21.57
CA VAL A 165 9.06 18.02 21.05
C VAL A 165 7.94 17.37 20.24
N ALA A 166 6.69 17.73 20.48
CA ALA A 166 5.57 17.25 19.69
C ALA A 166 5.65 17.75 18.25
N PRO A 167 5.96 19.03 18.00
CA PRO A 167 6.16 19.46 16.60
C PRO A 167 7.22 18.65 15.87
N VAL A 168 8.33 18.34 16.53
CA VAL A 168 9.37 17.52 15.91
C VAL A 168 8.82 16.14 15.55
N LEU A 169 8.02 15.56 16.44
CA LEU A 169 7.42 14.26 16.17
C LEU A 169 6.48 14.33 14.96
N ILE A 170 5.71 15.41 14.85
CA ILE A 170 4.80 15.55 13.72
C ILE A 170 5.56 15.73 12.42
N ARG A 171 6.67 16.49 12.45
CA ARG A 171 7.48 16.66 11.25
C ARG A 171 8.13 15.35 10.85
N GLU A 172 8.73 14.65 11.82
CA GLU A 172 9.48 13.43 11.49
C GLU A 172 8.56 12.34 10.98
N ILE A 173 7.35 12.23 11.52
CA ILE A 173 6.42 11.21 11.03
C ILE A 173 5.91 11.60 9.65
N THR A 174 5.76 12.91 9.39
CA THR A 174 5.41 13.36 8.05
C THR A 174 6.50 12.99 7.05
N ARG A 175 7.75 13.25 7.41
CA ARG A 175 8.87 12.90 6.56
C ARG A 175 8.87 11.42 6.22
N ARG A 176 8.63 10.58 7.22
CA ARG A 176 8.62 9.13 7.01
C ARG A 176 7.43 8.67 6.19
N VAL A 177 6.34 9.46 6.19
CA VAL A 177 5.20 9.12 5.35
C VAL A 177 5.37 9.69 3.94
N HIS A 178 6.00 10.86 3.80
CA HIS A 178 6.35 11.36 2.47
C HIS A 178 7.25 10.38 1.73
N LEU A 179 8.14 9.71 2.46
CA LEU A 179 9.09 8.80 1.80
C LEU A 179 8.36 7.65 1.11
N GLU A 180 7.21 7.24 1.64
CA GLU A 180 6.41 6.20 1.01
C GLU A 180 5.42 6.76 -0.01
N GLY A 181 5.48 8.05 -0.29
CA GLY A 181 4.67 8.63 -1.35
C GLY A 181 3.27 9.05 -0.94
N ILE A 182 2.97 9.07 0.34
CA ILE A 182 1.67 9.51 0.82
C ILE A 182 1.79 10.96 1.30
N PHE A 183 0.80 11.79 0.94
CA PHE A 183 0.86 13.21 1.22
C PHE A 183 -0.37 13.76 1.93
N GLN A 184 -1.31 12.92 2.32
CA GLN A 184 -2.44 13.33 3.14
C GLN A 184 -2.51 12.45 4.38
N ALA A 185 -3.22 12.94 5.40
CA ALA A 185 -3.37 12.18 6.63
C ALA A 185 -4.65 12.61 7.33
N VAL A 186 -5.23 11.68 8.08
CA VAL A 186 -6.37 11.97 8.93
C VAL A 186 -5.98 11.70 10.37
N TYR A 187 -6.64 12.39 11.29
CA TYR A 187 -6.37 12.25 12.72
C TYR A 187 -7.44 12.99 13.50
N THR A 188 -7.61 12.58 14.75
CA THR A 188 -8.55 13.18 15.68
C THR A 188 -7.78 13.76 16.87
N ALA A 189 -8.50 14.47 17.74
CA ALA A 189 -7.93 15.09 18.92
C ALA A 189 -9.02 15.68 19.80
N GLY A 190 -8.71 15.85 21.09
CA GLY A 190 -9.58 16.53 22.03
C GLY A 190 -9.39 18.03 22.11
N VAL A 191 -8.41 18.56 21.39
CA VAL A 191 -8.13 20.00 21.38
C VAL A 191 -8.38 20.54 19.99
N VAL A 192 -8.50 21.85 19.90
CA VAL A 192 -8.83 22.52 18.65
C VAL A 192 -7.55 23.06 18.02
N LEU A 193 -7.30 22.65 16.78
CA LEU A 193 -6.16 23.08 15.99
C LEU A 193 -6.67 23.50 14.62
N PRO A 194 -5.82 24.13 13.80
CA PRO A 194 -6.26 24.31 12.41
C PRO A 194 -6.20 23.00 11.65
N LYS A 195 -7.31 22.52 11.08
CA LYS A 195 -8.63 23.10 11.23
C LYS A 195 -9.66 21.97 11.16
N PRO A 196 -10.60 21.93 12.11
CA PRO A 196 -11.52 20.79 12.20
C PRO A 196 -12.43 20.70 10.98
N VAL A 197 -12.33 19.57 10.26
CA VAL A 197 -13.28 19.26 9.20
C VAL A 197 -14.62 18.80 9.75
N GLY A 198 -14.70 18.48 11.04
CA GLY A 198 -15.91 18.02 11.66
C GLY A 198 -15.72 17.81 13.15
N THR A 199 -16.72 18.17 13.95
CA THR A 199 -16.63 18.05 15.41
C THR A 199 -17.68 17.06 15.89
N CYS A 200 -17.24 16.07 16.66
CA CYS A 200 -18.12 15.00 17.13
C CYS A 200 -18.11 14.95 18.65
N ARG A 201 -19.29 14.90 19.25
CA ARG A 201 -19.43 14.83 20.69
C ARG A 201 -19.47 13.38 21.15
N TYR A 202 -18.81 13.11 22.27
CA TYR A 202 -18.93 11.81 22.92
C TYR A 202 -20.15 11.79 23.82
N TRP A 203 -20.92 10.70 23.72
CA TRP A 203 -22.05 10.45 24.60
C TRP A 203 -21.76 9.21 25.44
N HIS A 204 -22.43 9.11 26.58
CA HIS A 204 -22.12 8.07 27.57
C HIS A 204 -23.41 7.42 28.04
N ARG A 205 -23.49 6.10 27.89
CA ARG A 205 -24.62 5.29 28.34
C ARG A 205 -24.16 4.45 29.53
N SER A 206 -24.69 4.75 30.70
CA SER A 206 -24.32 3.99 31.90
C SER A 206 -24.82 2.56 31.80
N LEU A 207 -23.97 1.62 32.22
CA LEU A 207 -24.35 0.22 32.38
C LEU A 207 -24.32 -0.25 33.82
N ASN A 208 -23.37 0.26 34.61
CA ASN A 208 -23.30 0.00 36.04
C ASN A 208 -23.25 1.36 36.73
N PRO A 209 -24.42 1.93 37.06
CA PRO A 209 -24.44 3.30 37.57
C PRO A 209 -23.63 3.50 38.84
N ARG A 210 -23.66 2.53 39.76
CA ARG A 210 -22.97 2.71 41.04
C ARG A 210 -21.46 2.80 40.84
N LYS A 211 -20.90 1.90 40.02
CA LYS A 211 -19.46 1.91 39.77
C LYS A 211 -19.00 3.27 39.25
N LEU A 212 -19.76 3.85 38.32
CA LEU A 212 -19.37 5.12 37.73
C LEU A 212 -19.63 6.30 38.66
N ILE A 213 -20.48 6.13 39.68
CA ILE A 213 -20.72 7.17 40.66
C ILE A 213 -19.69 7.14 41.79
N GLU A 214 -19.36 5.96 42.33
CA GLU A 214 -18.28 5.87 43.31
C GLU A 214 -16.99 6.46 42.74
N VAL A 215 -16.60 5.98 41.55
CA VAL A 215 -15.36 6.41 40.90
C VAL A 215 -15.43 7.85 40.42
N LYS A 216 -16.61 8.47 40.47
CA LYS A 216 -16.86 9.86 40.09
C LYS A 216 -16.74 10.08 38.59
N PHE A 217 -16.88 9.01 37.80
CA PHE A 217 -17.07 9.17 36.37
C PHE A 217 -18.33 9.98 36.09
N SER A 218 -19.43 9.66 36.78
CA SER A 218 -20.71 10.33 36.62
C SER A 218 -21.19 10.81 37.99
N HIS A 219 -22.37 11.42 38.00
CA HIS A 219 -22.96 11.93 39.23
C HIS A 219 -24.46 11.68 39.22
N LEU A 220 -25.02 11.51 40.42
CA LEU A 220 -26.46 11.40 40.56
C LEU A 220 -27.14 12.69 40.13
N SER A 221 -28.14 12.58 39.26
CA SER A 221 -28.89 13.75 38.83
C SER A 221 -29.58 14.40 40.03
N ARG A 222 -29.93 15.68 39.88
CA ARG A 222 -30.44 16.52 40.93
C ARG A 222 -31.29 15.86 41.99
N ASN A 223 -32.52 15.48 41.62
CA ASN A 223 -33.43 14.85 42.57
C ASN A 223 -33.63 13.37 42.24
N MET A 224 -32.54 12.60 42.21
CA MET A 224 -32.61 11.19 41.87
C MET A 224 -31.70 10.40 42.79
N THR A 225 -32.27 9.43 43.49
CA THR A 225 -31.49 8.59 44.40
C THR A 225 -30.60 7.63 43.62
N MET A 226 -29.79 6.87 44.35
CA MET A 226 -29.03 5.79 43.75
C MET A 226 -29.96 4.67 43.29
N GLN A 227 -31.00 4.38 44.08
CA GLN A 227 -31.94 3.32 43.75
C GLN A 227 -32.62 3.58 42.41
N ARG A 228 -33.15 4.79 42.23
CA ARG A 228 -33.85 5.11 40.98
C ARG A 228 -32.90 5.08 39.80
N THR A 229 -31.67 5.57 39.97
CA THR A 229 -30.72 5.59 38.87
C THR A 229 -30.45 4.19 38.34
N MET A 230 -30.43 3.18 39.22
CA MET A 230 -30.18 1.82 38.79
C MET A 230 -31.38 1.24 38.05
N LYS A 231 -32.59 1.43 38.59
CA LYS A 231 -33.78 0.99 37.89
C LYS A 231 -33.96 1.70 36.55
N LEU A 232 -33.32 2.85 36.37
CA LEU A 232 -33.43 3.60 35.12
C LEU A 232 -32.59 2.96 34.01
N TYR A 233 -31.31 2.70 34.28
CA TYR A 233 -30.40 2.12 33.32
C TYR A 233 -30.46 0.59 33.29
N ARG A 234 -31.43 0.00 33.98
CA ARG A 234 -31.58 -1.46 33.96
C ARG A 234 -31.87 -1.95 32.56
N LEU A 235 -31.31 -3.12 32.23
CA LEU A 235 -31.36 -3.67 30.88
C LEU A 235 -31.74 -5.15 30.96
N PRO A 236 -32.33 -5.69 29.90
CA PRO A 236 -32.62 -7.13 29.86
C PRO A 236 -31.34 -7.95 29.97
N GLU A 237 -31.51 -9.19 30.45
CA GLU A 237 -30.38 -10.10 30.54
C GLU A 237 -29.91 -10.55 29.16
N THR A 238 -30.82 -10.69 28.22
CA THR A 238 -30.56 -11.28 26.92
C THR A 238 -30.95 -10.32 25.81
N PRO A 239 -30.27 -10.36 24.67
CA PRO A 239 -30.63 -9.49 23.55
C PRO A 239 -31.90 -10.01 22.88
N LYS A 240 -32.50 -9.14 22.05
CA LYS A 240 -33.78 -9.46 21.45
C LYS A 240 -33.76 -9.60 19.93
N THR A 241 -32.69 -9.19 19.25
CA THR A 241 -32.63 -9.38 17.80
C THR A 241 -32.46 -10.88 17.48
N ALA A 242 -33.27 -11.37 16.55
CA ALA A 242 -33.21 -12.77 16.17
C ALA A 242 -31.96 -13.06 15.36
N GLY A 243 -31.26 -14.15 15.70
CA GLY A 243 -30.08 -14.54 14.97
C GLY A 243 -28.83 -13.76 15.30
N LEU A 244 -28.83 -12.99 16.38
CA LEU A 244 -27.62 -12.31 16.80
C LEU A 244 -26.59 -13.35 17.25
N ARG A 245 -25.36 -13.21 16.77
CA ARG A 245 -24.30 -14.16 17.13
C ARG A 245 -22.97 -13.50 16.84
N PRO A 246 -21.89 -13.96 17.48
CA PRO A 246 -20.56 -13.38 17.20
C PRO A 246 -20.16 -13.60 15.75
N MET A 247 -19.40 -12.64 15.22
CA MET A 247 -18.92 -12.74 13.85
C MET A 247 -17.86 -13.82 13.73
N GLU A 248 -17.97 -14.65 12.70
CA GLU A 248 -17.04 -15.75 12.47
C GLU A 248 -16.29 -15.54 11.16
N THR A 249 -15.36 -16.47 10.89
CA THR A 249 -14.51 -16.37 9.70
C THR A 249 -15.33 -16.25 8.43
N LYS A 250 -16.38 -17.07 8.31
CA LYS A 250 -17.22 -17.05 7.12
C LYS A 250 -17.97 -15.74 6.95
N ASP A 251 -18.00 -14.88 7.97
CA ASP A 251 -18.71 -13.62 7.89
C ASP A 251 -17.84 -12.47 7.39
N ILE A 252 -16.53 -12.70 7.21
CA ILE A 252 -15.66 -11.64 6.70
C ILE A 252 -16.12 -11.09 5.36
N PRO A 253 -16.52 -11.91 4.38
CA PRO A 253 -17.00 -11.31 3.13
C PRO A 253 -18.23 -10.43 3.29
N VAL A 254 -19.24 -10.91 4.03
CA VAL A 254 -20.49 -10.18 4.07
C VAL A 254 -20.38 -8.96 4.98
N VAL A 255 -19.55 -9.03 6.02
CA VAL A 255 -19.31 -7.85 6.85
C VAL A 255 -18.61 -6.76 6.03
N HIS A 256 -17.66 -7.16 5.18
CA HIS A 256 -17.07 -6.22 4.23
C HIS A 256 -18.14 -5.63 3.31
N GLN A 257 -18.99 -6.50 2.76
CA GLN A 257 -20.04 -6.06 1.84
C GLN A 257 -20.96 -5.03 2.50
N LEU A 258 -21.53 -5.40 3.65
CA LEU A 258 -22.44 -4.50 4.36
C LEU A 258 -21.77 -3.18 4.70
N LEU A 259 -20.54 -3.24 5.22
CA LEU A 259 -19.86 -2.02 5.65
C LEU A 259 -19.45 -1.16 4.45
N THR A 260 -18.99 -1.79 3.37
CA THR A 260 -18.61 -1.04 2.17
C THR A 260 -19.76 -0.19 1.66
N ARG A 261 -20.98 -0.73 1.68
CA ARG A 261 -22.12 -0.03 1.08
C ARG A 261 -22.71 0.99 2.05
N TYR A 262 -23.06 0.56 3.25
CA TYR A 262 -23.65 1.46 4.25
C TYR A 262 -22.79 2.70 4.49
N LEU A 263 -21.48 2.59 4.31
CA LEU A 263 -20.60 3.73 4.58
C LEU A 263 -20.69 4.81 3.51
N LYS A 264 -21.27 4.50 2.35
CA LYS A 264 -21.20 5.45 1.23
C LYS A 264 -22.08 6.67 1.44
N GLN A 265 -23.00 6.61 2.39
CA GLN A 265 -23.93 7.72 2.63
C GLN A 265 -23.31 8.86 3.41
N PHE A 266 -22.12 8.67 3.99
CA PHE A 266 -21.42 9.72 4.72
C PHE A 266 -20.32 10.30 3.83
N HIS A 267 -19.67 11.37 4.33
CA HIS A 267 -18.69 12.08 3.53
C HIS A 267 -17.24 11.86 3.95
N LEU A 268 -16.99 11.38 5.17
CA LEU A 268 -15.65 10.99 5.60
C LEU A 268 -15.72 9.58 6.14
N THR A 269 -15.18 8.63 5.38
CA THR A 269 -15.28 7.21 5.69
C THR A 269 -13.98 6.52 5.36
N PRO A 270 -13.71 5.36 5.96
CA PRO A 270 -12.60 4.53 5.51
C PRO A 270 -13.02 3.73 4.28
N VAL A 271 -12.03 3.11 3.66
CA VAL A 271 -12.23 2.22 2.52
C VAL A 271 -11.42 0.97 2.81
N MET A 272 -12.09 -0.10 3.21
CA MET A 272 -11.44 -1.28 3.76
C MET A 272 -11.44 -2.42 2.75
N SER A 273 -10.29 -3.06 2.59
CA SER A 273 -10.22 -4.33 1.91
C SER A 273 -10.79 -5.43 2.83
N GLN A 274 -11.06 -6.59 2.24
CA GLN A 274 -11.54 -7.72 3.04
C GLN A 274 -10.52 -8.13 4.10
N GLU A 275 -9.22 -7.98 3.81
CA GLU A 275 -8.20 -8.24 4.82
C GLU A 275 -8.29 -7.23 5.96
N GLU A 276 -8.61 -5.98 5.65
CA GLU A 276 -8.72 -4.96 6.70
C GLU A 276 -10.01 -5.13 7.50
N VAL A 277 -11.08 -5.57 6.85
CA VAL A 277 -12.34 -5.81 7.56
C VAL A 277 -12.16 -6.96 8.55
N GLU A 278 -11.44 -8.01 8.16
CA GLU A 278 -11.14 -9.08 9.09
C GLU A 278 -10.39 -8.56 10.30
N HIS A 279 -9.37 -7.72 10.06
N HIS A 279 -9.38 -7.71 10.06
CA HIS A 279 -8.53 -7.25 11.16
CA HIS A 279 -8.53 -7.27 11.15
C HIS A 279 -9.33 -6.40 12.13
C HIS A 279 -9.29 -6.37 12.12
N TRP A 280 -10.08 -5.42 11.61
CA TRP A 280 -10.74 -4.46 12.48
C TRP A 280 -12.02 -5.00 13.10
N PHE A 281 -12.61 -6.08 12.57
CA PHE A 281 -13.89 -6.55 13.06
C PHE A 281 -13.90 -7.99 13.55
N TYR A 282 -12.97 -8.84 13.12
CA TYR A 282 -12.97 -10.22 13.59
C TYR A 282 -12.71 -10.21 15.09
N PRO A 283 -13.59 -10.79 15.91
CA PRO A 283 -13.56 -10.52 17.36
C PRO A 283 -12.26 -10.98 18.00
N GLN A 284 -11.78 -10.17 18.95
CA GLN A 284 -10.70 -10.53 19.84
C GLN A 284 -11.11 -10.13 21.25
N GLU A 285 -11.09 -11.07 22.17
CA GLU A 285 -11.53 -10.80 23.54
C GLU A 285 -10.71 -9.68 24.14
N ASN A 286 -11.40 -8.76 24.84
CA ASN A 286 -10.76 -7.61 25.49
C ASN A 286 -10.06 -6.70 24.48
N ILE A 287 -10.47 -6.76 23.21
CA ILE A 287 -9.98 -5.83 22.19
C ILE A 287 -11.16 -5.35 21.36
N ILE A 288 -11.70 -6.22 20.52
CA ILE A 288 -12.76 -5.88 19.59
C ILE A 288 -13.86 -6.94 19.66
N ASP A 289 -15.11 -6.49 19.60
CA ASP A 289 -16.27 -7.38 19.53
C ASP A 289 -17.11 -7.02 18.32
N THR A 290 -17.67 -8.04 17.68
CA THR A 290 -18.57 -7.84 16.55
C THR A 290 -19.61 -8.94 16.54
N PHE A 291 -20.88 -8.55 16.44
CA PHE A 291 -21.99 -9.48 16.38
C PHE A 291 -22.76 -9.25 15.09
N VAL A 292 -23.08 -10.34 14.39
CA VAL A 292 -23.83 -10.24 13.14
C VAL A 292 -25.24 -10.75 13.38
N VAL A 293 -26.14 -10.39 12.48
CA VAL A 293 -27.53 -10.82 12.52
C VAL A 293 -27.76 -11.73 11.31
N GLU A 294 -27.77 -13.03 11.55
CA GLU A 294 -28.13 -13.99 10.50
C GLU A 294 -29.63 -14.28 10.62
N ASN A 295 -30.34 -14.15 9.50
CA ASN A 295 -31.79 -14.21 9.51
C ASN A 295 -32.26 -15.66 9.34
N ALA A 296 -33.53 -15.83 8.97
CA ALA A 296 -34.11 -17.17 8.81
C ALA A 296 -33.69 -17.84 7.51
N ASN A 297 -33.04 -17.12 6.60
CA ASN A 297 -32.58 -17.69 5.35
C ASN A 297 -31.09 -17.93 5.33
N GLY A 298 -30.40 -17.73 6.45
CA GLY A 298 -28.97 -17.93 6.49
C GLY A 298 -28.15 -16.75 6.00
N GLU A 299 -28.80 -15.65 5.64
N GLU A 299 -28.77 -15.65 5.62
CA GLU A 299 -28.13 -14.46 5.17
CA GLU A 299 -28.06 -14.49 5.14
C GLU A 299 -27.83 -13.52 6.34
C GLU A 299 -27.87 -13.47 6.25
N VAL A 300 -26.71 -12.81 6.26
CA VAL A 300 -26.33 -11.86 7.29
C VAL A 300 -26.78 -10.48 6.87
N THR A 301 -27.59 -9.85 7.71
CA THR A 301 -28.27 -8.61 7.36
C THR A 301 -27.76 -7.38 8.10
N ASP A 302 -27.27 -7.53 9.32
CA ASP A 302 -26.80 -6.41 10.11
C ASP A 302 -25.59 -6.84 10.93
N PHE A 303 -24.86 -5.86 11.45
CA PHE A 303 -23.85 -6.17 12.45
C PHE A 303 -23.59 -4.93 13.30
N LEU A 304 -23.20 -5.19 14.55
CA LEU A 304 -22.77 -4.18 15.50
C LEU A 304 -21.37 -4.51 15.97
N SER A 305 -20.63 -3.49 16.40
CA SER A 305 -19.28 -3.72 16.88
C SER A 305 -18.91 -2.65 17.89
N PHE A 306 -18.11 -3.04 18.88
CA PHE A 306 -17.57 -2.11 19.86
C PHE A 306 -16.23 -2.65 20.35
N TYR A 307 -15.28 -1.76 20.56
CA TYR A 307 -13.96 -2.16 21.02
C TYR A 307 -13.78 -1.85 22.50
N THR A 308 -12.78 -2.50 23.10
CA THR A 308 -12.53 -2.41 24.53
C THR A 308 -11.38 -1.44 24.79
N LEU A 309 -11.58 -0.53 25.73
CA LEU A 309 -10.52 0.37 26.19
C LEU A 309 -10.80 0.73 27.64
N PRO A 310 -10.21 0.03 28.59
CA PRO A 310 -10.40 0.37 30.01
C PRO A 310 -9.57 1.58 30.40
N SER A 311 -9.96 2.20 31.50
CA SER A 311 -9.28 3.40 31.99
C SER A 311 -8.82 3.19 33.41
N THR A 312 -7.53 3.45 33.66
CA THR A 312 -7.03 3.51 35.02
C THR A 312 -7.70 4.66 35.75
N ILE A 313 -7.90 4.47 37.05
CA ILE A 313 -8.53 5.49 37.89
C ILE A 313 -7.44 6.02 38.83
N MET A 314 -7.06 7.28 38.62
CA MET A 314 -5.95 7.85 39.38
C MET A 314 -6.35 8.10 40.84
N ASN A 315 -6.51 7.01 41.59
CA ASN A 315 -6.83 7.06 43.02
C ASN A 315 -6.72 5.67 43.61
N LYS A 320 -9.99 0.05 40.82
CA LYS A 320 -9.20 -0.74 39.88
C LYS A 320 -9.13 -0.04 38.52
N SER A 321 -9.88 -0.56 37.55
CA SER A 321 -9.95 0.02 36.22
C SER A 321 -11.41 0.25 35.84
N LEU A 322 -11.63 1.22 34.96
CA LEU A 322 -12.96 1.56 34.48
C LEU A 322 -13.13 0.93 33.09
N LYS A 323 -13.87 -0.17 33.03
CA LYS A 323 -14.04 -0.91 31.79
C LYS A 323 -15.00 -0.15 30.88
N ALA A 324 -14.48 0.39 29.78
CA ALA A 324 -15.28 1.16 28.84
C ALA A 324 -15.44 0.39 27.53
N ALA A 325 -16.63 0.46 26.95
CA ALA A 325 -16.89 -0.04 25.61
C ALA A 325 -17.10 1.16 24.68
N TYR A 326 -16.43 1.15 23.54
CA TYR A 326 -16.50 2.24 22.58
C TYR A 326 -17.18 1.75 21.31
N SER A 327 -18.30 2.38 20.96
CA SER A 327 -19.01 2.02 19.74
C SER A 327 -18.12 2.21 18.53
N PHE A 328 -18.14 1.22 17.61
CA PHE A 328 -17.20 1.14 16.52
C PHE A 328 -18.01 1.36 15.25
N TYR A 329 -18.26 0.34 14.43
CA TYR A 329 -19.11 0.49 13.25
C TYR A 329 -20.35 -0.37 13.41
N ASN A 330 -21.52 0.21 13.21
CA ASN A 330 -22.77 -0.52 13.34
C ASN A 330 -23.55 -0.36 12.04
N VAL A 331 -23.84 -1.48 11.38
CA VAL A 331 -24.44 -1.47 10.05
C VAL A 331 -25.81 -2.13 10.14
N HIS A 332 -26.83 -1.42 9.69
CA HIS A 332 -28.20 -1.90 9.74
C HIS A 332 -28.79 -1.89 8.33
N THR A 333 -29.44 -2.97 7.96
CA THR A 333 -30.25 -3.01 6.75
C THR A 333 -31.62 -3.61 7.00
N GLN A 334 -31.72 -4.62 7.86
CA GLN A 334 -32.99 -5.25 8.18
C GLN A 334 -33.42 -5.04 9.62
N THR A 335 -32.48 -5.06 10.56
CA THR A 335 -32.81 -4.72 11.94
C THR A 335 -32.80 -3.21 12.10
N PRO A 336 -33.77 -2.64 12.82
CA PRO A 336 -33.70 -1.21 13.13
C PRO A 336 -32.49 -0.90 13.97
N LEU A 337 -31.76 0.16 13.59
CA LEU A 337 -30.56 0.56 14.31
C LEU A 337 -30.82 0.71 15.80
N LEU A 338 -32.01 1.18 16.18
CA LEU A 338 -32.34 1.31 17.59
C LEU A 338 -32.31 -0.04 18.31
N ASP A 339 -32.85 -1.08 17.67
CA ASP A 339 -32.78 -2.41 18.27
C ASP A 339 -31.36 -2.95 18.25
N LEU A 340 -30.64 -2.73 17.15
CA LEU A 340 -29.24 -3.15 17.06
C LEU A 340 -28.42 -2.57 18.20
N MET A 341 -28.46 -1.24 18.36
CA MET A 341 -27.68 -0.59 19.41
C MET A 341 -28.19 -0.95 20.80
N SER A 342 -29.48 -1.23 20.94
CA SER A 342 -29.99 -1.68 22.23
C SER A 342 -29.37 -3.02 22.63
N ASP A 343 -29.29 -3.95 21.68
CA ASP A 343 -28.64 -5.23 21.95
C ASP A 343 -27.14 -5.05 22.19
N ALA A 344 -26.53 -4.06 21.55
CA ALA A 344 -25.12 -3.74 21.82
C ALA A 344 -24.94 -3.39 23.29
N LEU A 345 -25.82 -2.54 23.83
CA LEU A 345 -25.77 -2.20 25.25
C LEU A 345 -25.92 -3.45 26.11
N VAL A 346 -26.81 -4.37 25.72
CA VAL A 346 -27.03 -5.59 26.49
C VAL A 346 -25.79 -6.46 26.47
N LEU A 347 -25.21 -6.66 25.28
CA LEU A 347 -24.02 -7.49 25.17
C LEU A 347 -22.85 -6.87 25.92
N ALA A 348 -22.75 -5.54 25.92
CA ALA A 348 -21.70 -4.88 26.69
C ALA A 348 -21.89 -5.11 28.17
N LYS A 349 -23.14 -5.06 28.65
CA LYS A 349 -23.41 -5.33 30.05
C LYS A 349 -23.13 -6.79 30.39
N MET A 350 -23.54 -7.71 29.51
CA MET A 350 -23.27 -9.13 29.73
C MET A 350 -21.78 -9.40 29.88
N LYS A 351 -20.93 -8.64 29.20
CA LYS A 351 -19.49 -8.88 29.18
C LYS A 351 -18.74 -8.15 30.28
N GLY A 352 -19.46 -7.54 31.22
CA GLY A 352 -18.83 -6.93 32.37
C GLY A 352 -18.37 -5.50 32.18
N PHE A 353 -18.78 -4.84 31.11
CA PHE A 353 -18.41 -3.44 30.91
C PHE A 353 -19.11 -2.55 31.94
N ASP A 354 -18.54 -1.35 32.14
CA ASP A 354 -19.10 -0.38 33.05
C ASP A 354 -19.90 0.72 32.34
N VAL A 355 -19.47 1.13 31.14
CA VAL A 355 -20.10 2.22 30.42
C VAL A 355 -19.96 1.95 28.93
N PHE A 356 -20.92 2.46 28.16
CA PHE A 356 -20.91 2.35 26.71
C PHE A 356 -20.78 3.75 26.13
N ASN A 357 -19.59 4.05 25.60
CA ASN A 357 -19.32 5.35 24.98
C ASN A 357 -19.56 5.30 23.49
N ALA A 358 -20.20 6.34 22.97
CA ALA A 358 -20.46 6.43 21.54
C ALA A 358 -20.43 7.89 21.13
N LEU A 359 -19.97 8.16 19.92
CA LEU A 359 -19.97 9.50 19.36
C LEU A 359 -21.34 9.81 18.75
N ASP A 360 -21.55 11.07 18.38
CA ASP A 360 -22.75 11.48 17.67
C ASP A 360 -22.56 11.48 16.15
N LEU A 361 -21.47 10.91 15.67
CA LEU A 361 -21.27 10.78 14.24
C LEU A 361 -22.19 9.70 13.67
N MET A 362 -22.25 9.67 12.34
CA MET A 362 -23.08 8.73 11.59
C MET A 362 -24.52 8.90 12.08
N GLU A 363 -25.37 7.87 11.95
CA GLU A 363 -26.74 7.88 12.44
C GLU A 363 -26.86 7.71 13.96
N ASN A 364 -25.79 7.95 14.74
CA ASN A 364 -25.87 7.72 16.19
C ASN A 364 -26.84 8.66 16.88
N LYS A 365 -27.08 9.86 16.32
CA LYS A 365 -28.01 10.79 16.96
C LYS A 365 -29.44 10.29 16.96
N THR A 366 -29.76 9.25 16.18
CA THR A 366 -31.12 8.73 16.18
C THR A 366 -31.42 7.91 17.42
N PHE A 367 -30.40 7.40 18.11
CA PHE A 367 -30.63 6.53 19.26
C PHE A 367 -30.01 7.03 20.55
N LEU A 368 -29.15 8.05 20.51
CA LEU A 368 -28.41 8.43 21.71
C LEU A 368 -29.35 8.88 22.82
N GLU A 369 -30.34 9.70 22.50
CA GLU A 369 -31.31 10.12 23.51
C GLU A 369 -32.26 8.99 23.88
N LYS A 370 -32.73 8.23 22.88
CA LYS A 370 -33.72 7.20 23.15
C LYS A 370 -33.17 6.05 23.97
N LEU A 371 -31.86 5.80 23.92
CA LEU A 371 -31.24 4.70 24.65
C LEU A 371 -30.57 5.15 25.93
N LYS A 372 -30.92 6.33 26.44
CA LYS A 372 -30.48 6.84 27.74
C LYS A 372 -28.98 7.17 27.75
N PHE A 373 -28.46 7.70 26.65
CA PHE A 373 -27.13 8.28 26.66
C PHE A 373 -27.18 9.68 27.25
N GLY A 374 -26.15 10.05 27.99
CA GLY A 374 -26.00 11.43 28.39
C GLY A 374 -24.86 12.11 27.65
N ILE A 375 -24.87 13.43 27.55
CA ILE A 375 -23.84 14.11 26.78
C ILE A 375 -22.55 14.18 27.60
N GLY A 376 -21.42 14.20 26.89
CA GLY A 376 -20.12 14.25 27.54
C GLY A 376 -19.43 15.59 27.41
N ASP A 377 -18.49 15.89 28.30
CA ASP A 377 -17.77 17.15 28.28
C ASP A 377 -16.59 17.16 27.31
N GLY A 378 -16.55 16.23 26.36
CA GLY A 378 -15.43 16.18 25.43
C GLY A 378 -15.85 16.03 23.98
N ASN A 379 -15.34 16.91 23.13
CA ASN A 379 -15.53 16.81 21.69
C ASN A 379 -14.30 16.18 21.06
N LEU A 380 -14.52 15.49 19.94
CA LEU A 380 -13.44 14.87 19.18
C LEU A 380 -13.39 15.57 17.83
N GLN A 381 -12.41 16.45 17.66
CA GLN A 381 -12.22 17.13 16.39
C GLN A 381 -11.57 16.20 15.40
N TYR A 382 -12.10 16.18 14.17
CA TYR A 382 -11.51 15.42 13.08
C TYR A 382 -10.75 16.38 12.18
N TYR A 383 -9.49 16.03 11.87
CA TYR A 383 -8.66 16.86 11.02
C TYR A 383 -8.14 16.06 9.83
N LEU A 384 -7.85 16.77 8.76
CA LEU A 384 -7.17 16.23 7.59
C LEU A 384 -5.92 17.05 7.35
N TYR A 385 -4.81 16.39 7.07
CA TYR A 385 -3.54 17.05 6.81
C TYR A 385 -3.35 17.18 5.31
N ASN A 386 -3.02 18.38 4.85
CA ASN A 386 -2.73 18.66 3.45
C ASN A 386 -3.92 18.31 2.55
N TRP A 387 -5.12 18.61 3.02
CA TRP A 387 -6.32 18.43 2.19
C TRP A 387 -7.32 19.51 2.58
N LYS A 388 -7.75 20.27 1.59
CA LYS A 388 -8.57 21.46 1.78
C LYS A 388 -9.97 21.18 1.24
N CYS A 389 -10.95 21.09 2.13
CA CYS A 389 -12.30 20.70 1.74
C CYS A 389 -13.28 21.34 2.72
N PRO A 390 -14.55 21.47 2.32
CA PRO A 390 -15.55 22.02 3.25
C PRO A 390 -15.72 21.13 4.47
N SER A 391 -15.97 21.76 5.60
CA SER A 391 -16.26 20.99 6.81
C SER A 391 -17.66 20.40 6.73
N MET A 392 -17.92 19.41 7.60
CA MET A 392 -19.19 18.70 7.62
C MET A 392 -19.68 18.57 9.05
N GLY A 393 -20.95 18.17 9.17
CA GLY A 393 -21.52 17.86 10.47
C GLY A 393 -21.20 16.45 10.91
N ALA A 394 -21.45 16.20 12.20
CA ALA A 394 -21.14 14.90 12.79
C ALA A 394 -21.81 13.77 12.02
N GLU A 395 -23.05 13.96 11.59
CA GLU A 395 -23.80 12.91 10.88
C GLU A 395 -23.12 12.48 9.58
N LYS A 396 -22.23 13.30 9.03
CA LYS A 396 -21.51 12.95 7.81
C LYS A 396 -20.14 12.33 8.09
N VAL A 397 -19.66 12.36 9.33
CA VAL A 397 -18.37 11.77 9.66
C VAL A 397 -18.59 10.28 9.92
N GLY A 398 -18.12 9.45 9.00
CA GLY A 398 -18.24 8.02 9.19
C GLY A 398 -16.89 7.37 9.38
N LEU A 399 -16.13 7.84 10.36
CA LEU A 399 -14.79 7.34 10.63
C LEU A 399 -14.59 7.25 12.13
N VAL A 400 -14.57 6.03 12.67
CA VAL A 400 -14.37 5.84 14.10
C VAL A 400 -12.94 5.37 14.37
N PRO B 11 -0.71 -20.21 -28.44
CA PRO B 11 -0.24 -18.83 -28.33
C PRO B 11 -0.17 -18.13 -29.69
N ALA B 12 -0.29 -16.81 -29.70
CA ALA B 12 -0.23 -16.02 -30.92
C ALA B 12 0.68 -14.84 -30.70
N LYS B 13 1.59 -14.58 -31.65
CA LYS B 13 2.58 -13.52 -31.50
C LYS B 13 2.26 -12.28 -32.34
N THR B 14 1.44 -12.40 -33.38
CA THR B 14 1.05 -11.28 -34.20
C THR B 14 -0.43 -10.96 -33.99
N MET B 15 -0.77 -9.69 -34.17
CA MET B 15 -2.14 -9.25 -33.90
C MET B 15 -3.12 -9.88 -34.88
N GLU B 16 -2.70 -10.06 -36.13
CA GLU B 16 -3.59 -10.66 -37.13
C GLU B 16 -3.88 -12.11 -36.80
N GLU B 17 -2.83 -12.89 -36.50
CA GLU B 17 -3.03 -14.28 -36.10
C GLU B 17 -3.80 -14.39 -34.80
N ALA B 18 -3.83 -13.34 -33.98
CA ALA B 18 -4.58 -13.37 -32.73
C ALA B 18 -6.07 -13.20 -32.94
N SER B 19 -6.48 -12.43 -33.96
CA SER B 19 -7.89 -12.21 -34.22
C SER B 19 -8.62 -13.46 -34.73
N LYS B 20 -7.88 -14.48 -35.17
CA LYS B 20 -8.54 -15.72 -35.60
C LYS B 20 -8.83 -16.64 -34.41
N ARG B 21 -8.07 -16.54 -33.33
N ARG B 21 -8.07 -16.53 -33.33
CA ARG B 21 -8.24 -17.49 -32.24
CA ARG B 21 -8.20 -17.43 -32.20
C ARG B 21 -9.46 -17.15 -31.40
C ARG B 21 -9.47 -17.15 -31.40
N SER B 22 -9.81 -18.11 -30.55
CA SER B 22 -10.83 -17.96 -29.52
C SER B 22 -10.14 -18.05 -28.18
N TYR B 23 -10.64 -17.29 -27.21
CA TYR B 23 -9.99 -17.17 -25.91
C TYR B 23 -10.91 -17.76 -24.84
N GLN B 24 -10.70 -19.05 -24.57
CA GLN B 24 -11.55 -19.76 -23.62
C GLN B 24 -11.49 -19.12 -22.23
N PHE B 25 -10.34 -18.55 -21.87
CA PHE B 25 -10.17 -17.97 -20.55
C PHE B 25 -10.32 -16.45 -20.53
N TRP B 26 -9.64 -15.74 -21.43
CA TRP B 26 -9.65 -14.28 -21.39
C TRP B 26 -10.99 -13.70 -21.83
N ASP B 27 -11.82 -14.47 -22.55
CA ASP B 27 -13.17 -14.01 -22.83
C ASP B 27 -14.03 -13.97 -21.57
N THR B 28 -13.60 -14.62 -20.49
CA THR B 28 -14.32 -14.58 -19.23
C THR B 28 -13.83 -13.48 -18.29
N GLN B 29 -12.78 -12.77 -18.66
CA GLN B 29 -12.10 -11.82 -17.79
C GLN B 29 -12.41 -10.39 -18.18
N PRO B 30 -12.29 -9.38 -17.15
CA PRO B 30 -12.63 -7.97 -17.43
C PRO B 30 -11.56 -7.25 -18.25
N VAL B 31 -11.31 -7.74 -19.45
CA VAL B 31 -10.46 -7.07 -20.43
C VAL B 31 -11.28 -6.86 -21.70
N PRO B 32 -11.00 -5.83 -22.50
CA PRO B 32 -11.79 -5.63 -23.72
C PRO B 32 -11.43 -6.65 -24.78
N LYS B 33 -12.41 -6.93 -25.65
CA LYS B 33 -12.16 -7.86 -26.75
C LYS B 33 -11.09 -7.32 -27.68
N LEU B 34 -10.45 -8.22 -28.42
CA LEU B 34 -9.51 -7.81 -29.45
C LEU B 34 -10.27 -7.12 -30.59
N GLY B 35 -9.61 -6.15 -31.21
CA GLY B 35 -10.23 -5.36 -32.26
C GLY B 35 -11.29 -4.40 -31.79
N GLU B 36 -11.72 -4.49 -30.53
CA GLU B 36 -12.67 -3.53 -29.99
C GLU B 36 -12.01 -2.17 -29.83
N VAL B 37 -12.56 -1.16 -30.50
CA VAL B 37 -12.09 0.21 -30.34
C VAL B 37 -12.61 0.76 -29.03
N VAL B 38 -11.79 1.52 -28.33
CA VAL B 38 -12.12 2.01 -27.00
C VAL B 38 -11.96 3.52 -26.98
N ASN B 39 -13.02 4.22 -26.55
CA ASN B 39 -12.95 5.64 -26.28
C ASN B 39 -13.27 6.00 -24.84
N THR B 40 -13.69 5.03 -24.03
CA THR B 40 -13.98 5.25 -22.63
C THR B 40 -12.71 5.04 -21.79
N HIS B 41 -12.74 5.61 -20.58
CA HIS B 41 -11.68 5.40 -19.59
C HIS B 41 -12.32 4.93 -18.30
N GLY B 42 -11.87 3.79 -17.77
CA GLY B 42 -12.39 3.31 -16.52
C GLY B 42 -12.39 1.80 -16.37
N PRO B 43 -12.92 1.31 -15.26
CA PRO B 43 -12.92 -0.13 -15.02
C PRO B 43 -13.97 -0.83 -15.86
N VAL B 44 -13.86 -2.16 -15.92
CA VAL B 44 -14.74 -2.97 -16.75
C VAL B 44 -15.84 -3.60 -15.90
N GLU B 45 -15.54 -3.91 -14.65
CA GLU B 45 -16.50 -4.52 -13.74
C GLU B 45 -16.43 -3.83 -12.39
N PRO B 46 -17.51 -3.83 -11.63
CA PRO B 46 -17.51 -3.15 -10.33
C PRO B 46 -16.56 -3.80 -9.34
N ASP B 47 -16.06 -2.98 -8.42
CA ASP B 47 -15.24 -3.48 -7.32
C ASP B 47 -16.00 -4.55 -6.54
N LYS B 48 -15.37 -5.70 -6.36
CA LYS B 48 -15.99 -6.81 -5.65
C LYS B 48 -15.90 -6.60 -4.14
N ASP B 49 -17.06 -6.45 -3.50
CA ASP B 49 -17.13 -6.23 -2.05
C ASP B 49 -17.47 -7.50 -1.28
N ASN B 50 -17.30 -8.66 -1.90
CA ASN B 50 -17.14 -9.92 -1.18
C ASN B 50 -16.26 -10.82 -2.04
N ILE B 51 -15.11 -11.18 -1.52
CA ILE B 51 -14.09 -11.92 -2.27
C ILE B 51 -14.08 -13.36 -1.76
N ARG B 52 -14.07 -14.31 -2.71
CA ARG B 52 -14.02 -15.73 -2.39
C ARG B 52 -12.89 -16.04 -1.41
N GLN B 53 -13.25 -16.63 -0.26
CA GLN B 53 -12.27 -16.94 0.78
C GLN B 53 -11.48 -18.20 0.49
N GLU B 54 -12.03 -19.11 -0.30
CA GLU B 54 -11.39 -20.40 -0.53
C GLU B 54 -10.51 -20.33 -1.77
N PRO B 55 -9.26 -20.78 -1.70
CA PRO B 55 -8.41 -20.81 -2.90
C PRO B 55 -9.04 -21.67 -3.99
N TYR B 56 -8.78 -21.29 -5.24
CA TYR B 56 -9.24 -22.10 -6.35
C TYR B 56 -8.59 -23.48 -6.27
N THR B 57 -9.24 -24.45 -6.90
CA THR B 57 -8.83 -25.85 -6.78
C THR B 57 -7.81 -26.19 -7.86
N LEU B 58 -6.59 -26.54 -7.44
CA LEU B 58 -5.65 -27.16 -8.34
C LEU B 58 -6.11 -28.57 -8.68
N PRO B 59 -5.62 -29.14 -9.77
CA PRO B 59 -5.84 -30.56 -10.02
C PRO B 59 -5.36 -31.41 -8.87
N GLN B 60 -5.70 -32.69 -8.97
CA GLN B 60 -5.37 -33.65 -7.92
C GLN B 60 -3.85 -33.81 -7.83
N GLY B 61 -3.35 -33.88 -6.59
CA GLY B 61 -1.93 -34.08 -6.38
C GLY B 61 -1.09 -32.83 -6.41
N PHE B 62 -1.69 -31.65 -6.24
CA PHE B 62 -0.96 -30.40 -6.13
C PHE B 62 -1.62 -29.54 -5.07
N THR B 63 -0.81 -28.70 -4.41
CA THR B 63 -1.31 -27.82 -3.38
C THR B 63 -0.64 -26.45 -3.49
N TRP B 64 -1.34 -25.43 -3.02
CA TRP B 64 -0.79 -24.09 -2.97
C TRP B 64 0.26 -24.00 -1.87
N ASP B 65 1.16 -23.02 -2.02
CA ASP B 65 2.21 -22.79 -1.04
C ASP B 65 2.88 -21.45 -1.27
N ALA B 66 2.74 -20.53 -0.32
CA ALA B 66 3.40 -19.24 -0.44
C ALA B 66 4.90 -19.41 -0.26
N LEU B 67 5.68 -18.74 -1.10
CA LEU B 67 7.14 -18.88 -1.09
C LEU B 67 7.75 -17.74 -0.28
N ASP B 68 8.24 -18.07 0.91
CA ASP B 68 9.10 -17.15 1.66
C ASP B 68 10.42 -17.06 0.94
N LEU B 69 10.68 -15.93 0.27
CA LEU B 69 11.93 -15.77 -0.45
C LEU B 69 13.08 -15.35 0.46
N GLY B 70 12.80 -15.04 1.73
CA GLY B 70 13.87 -14.88 2.69
C GLY B 70 14.55 -16.19 3.00
N ASP B 71 13.85 -17.30 2.84
CA ASP B 71 14.44 -18.62 2.99
C ASP B 71 15.25 -18.94 1.73
N ARG B 72 16.57 -19.11 1.90
CA ARG B 72 17.43 -19.38 0.75
C ARG B 72 17.07 -20.69 0.07
N GLY B 73 16.59 -21.67 0.85
CA GLY B 73 16.16 -22.92 0.25
C GLY B 73 14.97 -22.74 -0.68
N VAL B 74 14.01 -21.92 -0.26
CA VAL B 74 12.86 -21.63 -1.13
C VAL B 74 13.28 -20.76 -2.30
N LEU B 75 14.09 -19.73 -2.04
CA LEU B 75 14.53 -18.85 -3.11
C LEU B 75 15.31 -19.62 -4.17
N LYS B 76 16.10 -20.61 -3.77
CA LYS B 76 16.81 -21.43 -4.75
C LYS B 76 15.84 -22.28 -5.54
N GLU B 77 14.81 -22.81 -4.88
CA GLU B 77 13.78 -23.59 -5.59
C GLU B 77 13.09 -22.73 -6.66
N LEU B 78 12.73 -21.50 -6.30
CA LEU B 78 12.16 -20.58 -7.29
C LEU B 78 13.16 -20.30 -8.41
N TYR B 79 14.43 -20.13 -8.06
CA TYR B 79 15.46 -19.94 -9.08
C TYR B 79 15.52 -21.13 -10.02
N THR B 80 15.56 -22.34 -9.47
CA THR B 80 15.63 -23.54 -10.30
C THR B 80 14.40 -23.70 -11.18
N LEU B 81 13.23 -23.28 -10.68
CA LEU B 81 12.01 -23.40 -11.47
C LEU B 81 12.07 -22.51 -12.70
N LEU B 82 12.47 -21.25 -12.53
CA LEU B 82 12.51 -20.33 -13.66
C LEU B 82 13.69 -20.64 -14.58
N ASN B 83 14.83 -21.04 -14.02
CA ASN B 83 15.98 -21.40 -14.84
C ASN B 83 15.64 -22.54 -15.79
N GLU B 84 14.78 -23.47 -15.36
CA GLU B 84 14.47 -24.66 -16.13
C GLU B 84 13.14 -24.58 -16.87
N ASN B 85 12.29 -23.58 -16.58
CA ASN B 85 10.95 -23.57 -17.16
C ASN B 85 10.43 -22.19 -17.55
N TYR B 86 11.24 -21.14 -17.52
CA TYR B 86 10.72 -19.81 -17.80
C TYR B 86 10.81 -19.52 -19.29
N VAL B 87 10.80 -18.23 -19.66
CA VAL B 87 10.61 -17.82 -21.05
C VAL B 87 11.80 -18.24 -21.89
N GLU B 88 11.54 -18.90 -23.00
CA GLU B 88 12.53 -19.19 -24.02
C GLU B 88 12.24 -18.35 -25.26
N ASP B 89 13.20 -18.36 -26.18
CA ASP B 89 13.04 -17.60 -27.41
C ASP B 89 12.11 -18.34 -28.37
N ASP B 90 11.96 -17.78 -29.58
CA ASP B 90 11.17 -18.43 -30.62
C ASP B 90 11.68 -19.84 -30.90
N ASP B 91 12.98 -19.96 -31.15
CA ASP B 91 13.60 -21.20 -31.59
C ASP B 91 14.01 -22.11 -30.44
N ASN B 92 13.66 -21.76 -29.20
CA ASN B 92 13.96 -22.58 -28.02
C ASN B 92 15.46 -22.85 -27.93
N MET B 93 16.25 -21.79 -28.08
CA MET B 93 17.70 -21.86 -27.98
C MET B 93 18.25 -21.16 -26.76
N PHE B 94 17.52 -20.21 -26.18
CA PHE B 94 17.95 -19.46 -25.01
C PHE B 94 16.79 -19.35 -24.04
N ARG B 95 17.13 -19.29 -22.75
CA ARG B 95 16.16 -19.16 -21.68
C ARG B 95 16.73 -18.26 -20.59
N PHE B 96 15.88 -17.43 -20.00
CA PHE B 96 16.31 -16.49 -18.98
C PHE B 96 16.95 -17.22 -17.81
N ASP B 97 17.99 -16.61 -17.25
CA ASP B 97 18.61 -17.15 -16.04
C ASP B 97 18.58 -16.09 -14.94
N TYR B 98 17.38 -15.66 -14.53
CA TYR B 98 17.24 -14.71 -13.44
C TYR B 98 17.96 -15.22 -12.20
N SER B 99 18.86 -14.40 -11.66
CA SER B 99 19.59 -14.83 -10.48
C SER B 99 18.70 -14.76 -9.23
N PRO B 100 18.98 -15.58 -8.22
CA PRO B 100 18.20 -15.48 -6.97
C PRO B 100 18.31 -14.12 -6.30
N GLU B 101 19.49 -13.49 -6.36
CA GLU B 101 19.62 -12.13 -5.86
C GLU B 101 18.85 -11.14 -6.72
N PHE B 102 18.70 -11.42 -8.02
CA PHE B 102 17.83 -10.59 -8.84
C PHE B 102 16.37 -10.76 -8.45
N LEU B 103 15.94 -12.00 -8.24
CA LEU B 103 14.54 -12.25 -7.94
C LEU B 103 14.11 -11.53 -6.66
N LEU B 104 14.99 -11.52 -5.65
CA LEU B 104 14.72 -10.75 -4.44
C LEU B 104 14.49 -9.27 -4.77
N TRP B 105 15.26 -8.74 -5.72
CA TRP B 105 15.17 -7.32 -6.06
C TRP B 105 13.84 -7.00 -6.73
N ALA B 106 13.38 -7.85 -7.64
CA ALA B 106 12.13 -7.59 -8.35
C ALA B 106 10.89 -8.05 -7.59
N LEU B 107 11.03 -8.86 -6.55
CA LEU B 107 9.88 -9.49 -5.91
C LEU B 107 9.69 -9.06 -4.46
N ARG B 108 10.58 -8.19 -3.93
CA ARG B 108 10.43 -7.61 -2.60
C ARG B 108 10.61 -6.09 -2.60
N PRO B 109 9.93 -5.38 -3.49
CA PRO B 109 9.94 -3.92 -3.43
C PRO B 109 9.12 -3.45 -2.24
N PRO B 110 9.17 -2.17 -1.91
CA PRO B 110 8.34 -1.66 -0.81
C PRO B 110 6.87 -2.06 -0.95
N GLY B 111 6.37 -2.80 0.04
CA GLY B 111 4.98 -3.22 0.05
C GLY B 111 4.72 -4.61 -0.48
N TRP B 112 5.76 -5.43 -0.65
CA TRP B 112 5.55 -6.80 -1.10
C TRP B 112 4.80 -7.60 -0.03
N LEU B 113 3.88 -8.46 -0.47
CA LEU B 113 3.17 -9.32 0.45
C LEU B 113 3.53 -10.78 0.18
N PRO B 114 3.73 -11.59 1.23
CA PRO B 114 4.25 -12.94 1.00
C PRO B 114 3.23 -13.86 0.34
N GLN B 115 1.93 -13.61 0.52
CA GLN B 115 0.93 -14.38 -0.19
C GLN B 115 0.90 -14.08 -1.67
N TRP B 116 1.52 -12.99 -2.10
CA TRP B 116 1.64 -12.65 -3.51
C TRP B 116 2.83 -13.32 -4.18
N HIS B 117 3.54 -14.18 -3.46
CA HIS B 117 4.57 -15.04 -4.05
C HIS B 117 3.97 -16.44 -4.12
N CYS B 118 3.09 -16.64 -5.09
CA CYS B 118 2.17 -17.77 -5.12
C CYS B 118 2.79 -18.92 -5.91
N GLY B 119 3.22 -19.97 -5.21
CA GLY B 119 3.78 -21.12 -5.89
C GLY B 119 2.89 -22.35 -5.87
N VAL B 120 3.18 -23.32 -6.74
CA VAL B 120 2.47 -24.59 -6.79
C VAL B 120 3.48 -25.72 -6.59
N ARG B 121 3.20 -26.60 -5.64
CA ARG B 121 4.07 -27.73 -5.33
C ARG B 121 3.33 -29.04 -5.55
N VAL B 122 4.07 -30.07 -5.94
CA VAL B 122 3.52 -31.42 -5.98
C VAL B 122 3.26 -31.88 -4.55
N VAL B 123 2.08 -32.47 -4.32
CA VAL B 123 1.71 -32.89 -2.96
C VAL B 123 2.70 -33.92 -2.44
N SER B 124 3.05 -34.91 -3.28
CA SER B 124 3.89 -36.01 -2.84
C SER B 124 5.31 -35.55 -2.55
N SER B 125 6.02 -35.06 -3.56
CA SER B 125 7.46 -34.82 -3.45
C SER B 125 7.82 -33.39 -3.07
N ARG B 126 6.85 -32.48 -2.97
CA ARG B 126 7.05 -31.07 -2.66
C ARG B 126 7.76 -30.31 -3.77
N LYS B 127 7.90 -30.90 -4.95
CA LYS B 127 8.61 -30.23 -6.04
C LYS B 127 7.84 -29.01 -6.53
N LEU B 128 8.52 -27.87 -6.56
CA LEU B 128 7.92 -26.66 -7.10
C LEU B 128 7.73 -26.80 -8.60
N VAL B 129 6.52 -26.49 -9.08
CA VAL B 129 6.17 -26.75 -10.48
C VAL B 129 5.37 -25.59 -11.06
N GLY B 130 5.11 -24.57 -10.24
CA GLY B 130 4.33 -23.43 -10.72
C GLY B 130 4.59 -22.21 -9.87
N PHE B 131 4.35 -21.04 -10.47
CA PHE B 131 4.59 -19.79 -9.76
C PHE B 131 3.93 -18.64 -10.51
N ILE B 132 3.45 -17.67 -9.73
CA ILE B 132 2.98 -16.39 -10.26
C ILE B 132 3.08 -15.39 -9.12
N SER B 133 3.33 -14.13 -9.45
CA SER B 133 3.64 -13.14 -8.43
C SER B 133 2.96 -11.82 -8.72
N ALA B 134 2.84 -11.01 -7.67
CA ALA B 134 2.25 -9.69 -7.76
C ALA B 134 2.94 -8.76 -6.77
N ILE B 135 3.40 -7.62 -7.26
CA ILE B 135 3.95 -6.57 -6.39
C ILE B 135 3.09 -5.33 -6.55
N PRO B 136 2.92 -4.53 -5.50
CA PRO B 136 2.10 -3.31 -5.64
C PRO B 136 2.84 -2.21 -6.38
N ALA B 137 2.10 -1.48 -7.21
CA ALA B 137 2.65 -0.36 -7.95
C ALA B 137 1.57 0.67 -8.18
N ASN B 138 1.91 1.94 -7.98
CA ASN B 138 1.05 3.04 -8.34
C ASN B 138 1.23 3.34 -9.82
N ILE B 139 0.23 3.02 -10.63
CA ILE B 139 0.30 3.17 -12.07
C ILE B 139 -0.44 4.44 -12.48
N HIS B 140 0.21 5.25 -13.31
CA HIS B 140 -0.40 6.42 -13.93
C HIS B 140 -0.80 6.05 -15.35
N ILE B 141 -2.10 6.03 -15.63
CA ILE B 141 -2.60 5.72 -16.97
C ILE B 141 -3.45 6.90 -17.43
N TYR B 142 -3.03 7.54 -18.52
CA TYR B 142 -3.66 8.75 -19.04
C TYR B 142 -3.88 9.78 -17.94
N ASP B 143 -5.14 10.05 -17.59
CA ASP B 143 -5.48 11.06 -16.61
C ASP B 143 -5.79 10.49 -15.23
N THR B 144 -5.50 9.21 -14.99
CA THR B 144 -5.84 8.55 -13.73
C THR B 144 -4.58 7.99 -13.08
N GLU B 145 -4.52 8.06 -11.75
CA GLU B 145 -3.47 7.42 -10.96
C GLU B 145 -4.15 6.39 -10.07
N LYS B 146 -4.06 5.13 -10.45
CA LYS B 146 -4.71 4.04 -9.74
C LYS B 146 -3.67 3.12 -9.12
N LYS B 147 -3.95 2.67 -7.89
CA LYS B 147 -3.09 1.70 -7.23
C LYS B 147 -3.33 0.32 -7.83
N MET B 148 -2.25 -0.34 -8.24
CA MET B 148 -2.35 -1.61 -8.96
C MET B 148 -1.30 -2.57 -8.46
N VAL B 149 -1.31 -3.77 -9.04
CA VAL B 149 -0.25 -4.76 -8.88
C VAL B 149 0.33 -5.05 -10.25
N GLU B 150 1.59 -5.45 -10.27
CA GLU B 150 2.25 -5.93 -11.48
C GLU B 150 2.44 -7.44 -11.38
N ILE B 151 2.00 -8.15 -12.41
CA ILE B 151 2.08 -9.60 -12.44
C ILE B 151 3.31 -10.01 -13.24
N ASN B 152 4.16 -10.83 -12.64
CA ASN B 152 5.40 -11.25 -13.27
C ASN B 152 5.67 -12.71 -12.93
N PHE B 153 6.49 -13.34 -13.76
CA PHE B 153 7.02 -14.69 -13.49
C PHE B 153 5.92 -15.75 -13.45
N LEU B 154 4.91 -15.59 -14.31
CA LEU B 154 3.95 -16.67 -14.53
C LEU B 154 4.69 -17.84 -15.16
N CYS B 155 4.80 -18.95 -14.42
CA CYS B 155 5.59 -20.09 -14.89
C CYS B 155 4.91 -21.38 -14.50
N VAL B 156 4.59 -22.20 -15.49
CA VAL B 156 4.15 -23.58 -15.28
C VAL B 156 5.26 -24.50 -15.74
N HIS B 157 5.55 -25.52 -14.93
CA HIS B 157 6.62 -26.46 -15.25
C HIS B 157 6.38 -27.09 -16.62
N LYS B 158 7.48 -27.40 -17.32
CA LYS B 158 7.38 -27.98 -18.65
C LYS B 158 6.58 -29.28 -18.64
N LYS B 159 6.77 -30.11 -17.61
CA LYS B 159 6.04 -31.37 -17.49
C LYS B 159 4.58 -31.18 -17.14
N LEU B 160 4.14 -29.95 -16.90
CA LEU B 160 2.76 -29.67 -16.52
C LEU B 160 2.07 -28.70 -17.49
N ARG B 161 2.68 -28.43 -18.65
CA ARG B 161 2.09 -27.45 -19.55
C ARG B 161 0.84 -27.99 -20.23
N SER B 162 -0.01 -27.07 -20.67
CA SER B 162 -1.22 -27.39 -21.41
C SER B 162 -2.15 -28.30 -20.60
N LYS B 163 -2.36 -27.92 -19.34
CA LYS B 163 -3.25 -28.65 -18.45
C LYS B 163 -4.19 -27.71 -17.70
N ARG B 164 -4.50 -26.56 -18.30
CA ARG B 164 -5.39 -25.56 -17.70
C ARG B 164 -4.88 -25.08 -16.35
N VAL B 165 -3.57 -25.14 -16.13
CA VAL B 165 -2.99 -24.75 -14.85
C VAL B 165 -2.65 -23.25 -14.80
N ALA B 166 -2.40 -22.62 -15.95
CA ALA B 166 -2.08 -21.19 -15.97
C ALA B 166 -3.30 -20.33 -15.62
N PRO B 167 -4.50 -20.62 -16.16
CA PRO B 167 -5.68 -19.86 -15.72
C PRO B 167 -5.96 -20.02 -14.23
N VAL B 168 -5.60 -21.16 -13.63
CA VAL B 168 -5.76 -21.34 -12.20
C VAL B 168 -4.87 -20.34 -11.44
N LEU B 169 -3.61 -20.20 -11.87
CA LEU B 169 -2.71 -19.25 -11.24
C LEU B 169 -3.23 -17.82 -11.36
N ILE B 170 -3.71 -17.47 -12.55
CA ILE B 170 -4.22 -16.12 -12.78
C ILE B 170 -5.44 -15.86 -11.89
N ARG B 171 -6.30 -16.87 -11.74
CA ARG B 171 -7.47 -16.70 -10.88
C ARG B 171 -7.08 -16.60 -9.41
N GLU B 172 -6.07 -17.38 -9.00
CA GLU B 172 -5.66 -17.38 -7.59
C GLU B 172 -4.92 -16.11 -7.21
N ILE B 173 -4.04 -15.60 -8.09
CA ILE B 173 -3.34 -14.36 -7.78
C ILE B 173 -4.32 -13.20 -7.80
N THR B 174 -5.33 -13.28 -8.67
CA THR B 174 -6.38 -12.27 -8.71
C THR B 174 -7.12 -12.22 -7.37
N ARG B 175 -7.60 -13.38 -6.91
CA ARG B 175 -8.31 -13.46 -5.64
C ARG B 175 -7.47 -12.88 -4.50
N ARG B 176 -6.19 -13.30 -4.42
CA ARG B 176 -5.32 -12.79 -3.36
C ARG B 176 -5.11 -11.28 -3.47
N VAL B 177 -5.17 -10.73 -4.68
CA VAL B 177 -5.01 -9.29 -4.85
C VAL B 177 -6.32 -8.56 -4.53
N HIS B 178 -7.45 -9.16 -4.89
CA HIS B 178 -8.76 -8.60 -4.53
C HIS B 178 -8.93 -8.54 -3.02
N LEU B 179 -8.42 -9.53 -2.30
CA LEU B 179 -8.50 -9.52 -0.84
C LEU B 179 -7.86 -8.28 -0.24
N GLU B 180 -6.84 -7.72 -0.91
CA GLU B 180 -6.19 -6.50 -0.46
C GLU B 180 -6.80 -5.24 -1.06
N GLY B 181 -7.98 -5.33 -1.67
CA GLY B 181 -8.67 -4.15 -2.15
C GLY B 181 -8.11 -3.53 -3.40
N ILE B 182 -7.28 -4.26 -4.15
CA ILE B 182 -6.80 -3.82 -5.46
C ILE B 182 -7.60 -4.55 -6.52
N PHE B 183 -7.98 -3.82 -7.58
CA PHE B 183 -8.84 -4.38 -8.62
C PHE B 183 -8.35 -4.07 -10.03
N GLN B 184 -7.13 -3.57 -10.19
CA GLN B 184 -6.51 -3.41 -11.49
C GLN B 184 -5.08 -3.95 -11.43
N ALA B 185 -4.53 -4.23 -12.60
CA ALA B 185 -3.17 -4.74 -12.68
C ALA B 185 -2.61 -4.50 -14.07
N VAL B 186 -1.31 -4.25 -14.13
CA VAL B 186 -0.58 -4.14 -15.39
C VAL B 186 0.35 -5.35 -15.50
N TYR B 187 0.53 -5.83 -16.73
CA TYR B 187 1.40 -6.97 -16.98
C TYR B 187 1.85 -6.92 -18.44
N THR B 188 2.97 -7.58 -18.70
CA THR B 188 3.55 -7.63 -20.03
C THR B 188 3.67 -9.09 -20.49
N ALA B 189 3.65 -9.29 -21.80
CA ALA B 189 3.76 -10.63 -22.36
C ALA B 189 4.32 -10.53 -23.77
N GLY B 190 4.91 -11.64 -24.21
CA GLY B 190 5.35 -11.78 -25.58
C GLY B 190 4.33 -12.39 -26.51
N VAL B 191 3.19 -12.81 -25.98
CA VAL B 191 2.09 -13.30 -26.80
C VAL B 191 0.99 -12.24 -26.79
N VAL B 192 0.05 -12.38 -27.72
CA VAL B 192 -1.01 -11.40 -27.92
C VAL B 192 -2.28 -11.93 -27.27
N LEU B 193 -2.84 -11.16 -26.34
CA LEU B 193 -4.04 -11.50 -25.61
C LEU B 193 -5.00 -10.33 -25.66
N PRO B 194 -6.28 -10.54 -25.30
CA PRO B 194 -7.14 -9.38 -25.07
C PRO B 194 -6.70 -8.60 -23.84
N LYS B 195 -6.33 -7.33 -23.95
CA LYS B 195 -6.15 -6.62 -25.22
C LYS B 195 -5.02 -5.61 -25.04
N PRO B 196 -4.05 -5.59 -25.96
CA PRO B 196 -2.88 -4.75 -25.78
C PRO B 196 -3.25 -3.26 -25.71
N VAL B 197 -2.76 -2.60 -24.66
CA VAL B 197 -2.79 -1.14 -24.62
C VAL B 197 -1.56 -0.54 -25.26
N GLY B 198 -0.54 -1.36 -25.53
CA GLY B 198 0.64 -0.93 -26.25
C GLY B 198 1.39 -2.15 -26.73
N THR B 199 2.18 -1.94 -27.78
CA THR B 199 3.04 -2.99 -28.34
C THR B 199 4.43 -2.40 -28.49
N CYS B 200 5.37 -2.85 -27.66
CA CYS B 200 6.73 -2.34 -27.66
C CYS B 200 7.68 -3.34 -28.30
N ARG B 201 8.56 -2.86 -29.17
CA ARG B 201 9.46 -3.71 -29.94
C ARG B 201 10.84 -3.74 -29.30
N TYR B 202 11.39 -4.93 -29.13
CA TYR B 202 12.73 -5.06 -28.59
C TYR B 202 13.78 -4.83 -29.66
N TRP B 203 14.82 -4.09 -29.31
CA TRP B 203 15.99 -3.88 -30.16
C TRP B 203 17.22 -4.40 -29.43
N HIS B 204 18.28 -4.67 -30.20
CA HIS B 204 19.48 -5.29 -29.65
C HIS B 204 20.72 -4.59 -30.17
N ARG B 205 21.65 -4.32 -29.26
CA ARG B 205 22.91 -3.65 -29.58
C ARG B 205 24.04 -4.62 -29.25
N SER B 206 24.74 -5.07 -30.28
CA SER B 206 25.81 -6.04 -30.11
C SER B 206 26.98 -5.40 -29.36
N LEU B 207 27.47 -6.09 -28.34
CA LEU B 207 28.63 -5.64 -27.56
C LEU B 207 29.81 -6.57 -27.69
N ASN B 208 29.58 -7.88 -27.75
CA ASN B 208 30.59 -8.88 -28.08
C ASN B 208 30.11 -9.63 -29.32
N PRO B 209 30.22 -9.02 -30.50
CA PRO B 209 29.67 -9.64 -31.71
C PRO B 209 30.22 -11.03 -32.00
N ARG B 210 31.43 -11.34 -31.52
CA ARG B 210 31.96 -12.70 -31.67
C ARG B 210 31.07 -13.71 -30.96
N LYS B 211 30.99 -13.61 -29.63
CA LYS B 211 30.20 -14.55 -28.85
C LYS B 211 28.73 -14.58 -29.28
N LEU B 212 28.18 -13.45 -29.71
CA LEU B 212 26.77 -13.43 -30.11
C LEU B 212 26.51 -14.27 -31.35
N ILE B 213 27.49 -14.35 -32.26
CA ILE B 213 27.27 -15.08 -33.51
C ILE B 213 27.70 -16.55 -33.39
N GLU B 214 28.68 -16.85 -32.54
CA GLU B 214 29.02 -18.25 -32.32
C GLU B 214 27.85 -19.02 -31.73
N VAL B 215 26.98 -18.36 -30.95
CA VAL B 215 25.89 -19.02 -30.25
C VAL B 215 24.60 -18.76 -31.02
N LYS B 216 24.75 -18.12 -32.18
CA LYS B 216 23.67 -17.84 -33.10
C LYS B 216 22.58 -16.99 -32.44
N PHE B 217 22.99 -16.03 -31.61
CA PHE B 217 22.03 -15.03 -31.15
C PHE B 217 21.79 -13.99 -32.23
N SER B 218 22.86 -13.58 -32.91
CA SER B 218 22.78 -12.73 -34.09
C SER B 218 23.38 -13.49 -35.28
N HIS B 219 23.11 -12.97 -36.46
CA HIS B 219 23.60 -13.55 -37.71
C HIS B 219 24.60 -12.60 -38.34
N LEU B 220 25.65 -13.16 -38.94
CA LEU B 220 26.61 -12.36 -39.67
C LEU B 220 25.93 -11.80 -40.92
N SER B 221 25.91 -10.47 -41.04
CA SER B 221 25.20 -9.83 -42.14
C SER B 221 25.75 -10.31 -43.48
N ARG B 222 24.90 -10.24 -44.51
CA ARG B 222 25.24 -10.83 -45.79
C ARG B 222 26.53 -10.29 -46.38
N ASN B 223 26.70 -8.97 -46.34
CA ASN B 223 27.90 -8.37 -46.92
C ASN B 223 29.12 -8.55 -46.02
N MET B 224 28.93 -8.39 -44.70
CA MET B 224 30.04 -8.18 -43.79
C MET B 224 30.78 -9.47 -43.47
N THR B 225 32.00 -9.29 -42.95
CA THR B 225 32.80 -10.37 -42.37
C THR B 225 32.90 -10.16 -40.86
N MET B 226 33.65 -11.05 -40.20
CA MET B 226 33.88 -10.90 -38.76
C MET B 226 34.75 -9.70 -38.47
N GLN B 227 35.82 -9.51 -39.25
CA GLN B 227 36.67 -8.34 -39.08
C GLN B 227 35.89 -7.06 -39.35
N ARG B 228 35.09 -7.06 -40.41
CA ARG B 228 34.25 -5.90 -40.71
C ARG B 228 33.26 -5.63 -39.59
N THR B 229 32.64 -6.67 -39.04
CA THR B 229 31.59 -6.49 -38.06
C THR B 229 32.14 -6.04 -36.71
N MET B 230 33.28 -6.60 -36.30
CA MET B 230 33.83 -6.25 -34.99
C MET B 230 34.24 -4.78 -34.94
N LYS B 231 34.78 -4.25 -36.02
CA LYS B 231 35.09 -2.83 -36.08
C LYS B 231 33.83 -1.97 -36.17
N LEU B 232 32.73 -2.54 -36.68
CA LEU B 232 31.48 -1.80 -36.76
C LEU B 232 30.91 -1.52 -35.39
N TYR B 233 30.96 -2.50 -34.47
CA TYR B 233 30.33 -2.40 -33.17
C TYR B 233 31.29 -1.99 -32.06
N ARG B 234 32.57 -1.79 -32.37
CA ARG B 234 33.51 -1.39 -31.34
C ARG B 234 33.12 -0.03 -30.76
N LEU B 235 33.52 0.20 -29.52
CA LEU B 235 33.15 1.37 -28.76
C LEU B 235 34.37 1.97 -28.07
N PRO B 236 34.30 3.23 -27.66
CA PRO B 236 35.35 3.79 -26.81
C PRO B 236 35.46 3.01 -25.50
N GLU B 237 36.63 3.10 -24.89
CA GLU B 237 36.83 2.43 -23.61
C GLU B 237 36.22 3.23 -22.46
N THR B 238 36.17 4.55 -22.58
CA THR B 238 35.77 5.43 -21.50
C THR B 238 34.53 6.22 -21.88
N PRO B 239 33.60 6.42 -20.93
CA PRO B 239 32.43 7.25 -21.23
C PRO B 239 32.83 8.69 -21.47
N LYS B 240 32.09 9.35 -22.36
CA LYS B 240 32.45 10.72 -22.74
C LYS B 240 31.85 11.77 -21.83
N THR B 241 30.76 11.46 -21.12
CA THR B 241 30.02 12.49 -20.39
C THR B 241 30.77 12.93 -19.14
N ALA B 242 30.77 14.24 -18.90
CA ALA B 242 31.40 14.81 -17.72
C ALA B 242 30.62 14.48 -16.46
N GLY B 243 31.36 14.24 -15.37
CA GLY B 243 30.74 13.98 -14.09
C GLY B 243 29.87 12.74 -14.05
N LEU B 244 30.01 11.84 -15.02
CA LEU B 244 29.29 10.59 -14.98
C LEU B 244 29.91 9.70 -13.90
N ARG B 245 29.08 9.15 -13.03
CA ARG B 245 29.57 8.36 -11.92
C ARG B 245 28.44 7.48 -11.41
N PRO B 246 28.74 6.41 -10.68
CA PRO B 246 27.66 5.57 -10.15
C PRO B 246 26.78 6.37 -9.19
N MET B 247 25.52 5.95 -9.11
CA MET B 247 24.57 6.58 -8.21
C MET B 247 24.95 6.30 -6.75
N GLU B 248 24.78 7.31 -5.91
CA GLU B 248 25.05 7.20 -4.49
C GLU B 248 23.78 7.48 -3.70
N THR B 249 23.83 7.18 -2.40
CA THR B 249 22.66 7.32 -1.55
C THR B 249 22.13 8.75 -1.55
N LYS B 250 23.03 9.74 -1.57
CA LYS B 250 22.61 11.13 -1.54
C LYS B 250 21.86 11.54 -2.81
N ASP B 251 21.97 10.77 -3.88
CA ASP B 251 21.28 11.10 -5.12
C ASP B 251 19.85 10.57 -5.14
N ILE B 252 19.46 9.77 -4.16
CA ILE B 252 18.09 9.23 -4.12
C ILE B 252 17.02 10.30 -4.33
N PRO B 253 17.03 11.43 -3.61
CA PRO B 253 15.93 12.39 -3.78
C PRO B 253 15.88 13.02 -5.15
N VAL B 254 17.04 13.39 -5.69
CA VAL B 254 17.04 14.08 -6.98
C VAL B 254 16.84 13.10 -8.13
N VAL B 255 17.30 11.85 -7.98
CA VAL B 255 16.95 10.81 -8.94
C VAL B 255 15.44 10.63 -8.98
N HIS B 256 14.81 10.62 -7.81
CA HIS B 256 13.35 10.59 -7.74
C HIS B 256 12.74 11.82 -8.42
N GLN B 257 13.25 13.01 -8.07
CA GLN B 257 12.76 14.24 -8.69
C GLN B 257 12.87 14.17 -10.21
N LEU B 258 14.03 13.77 -10.72
CA LEU B 258 14.23 13.74 -12.17
C LEU B 258 13.28 12.77 -12.85
N LEU B 259 13.16 11.55 -12.31
CA LEU B 259 12.32 10.55 -12.96
C LEU B 259 10.85 10.94 -12.94
N THR B 260 10.39 11.52 -11.84
CA THR B 260 8.97 11.86 -11.72
C THR B 260 8.56 12.90 -12.77
N ARG B 261 9.32 14.00 -12.86
CA ARG B 261 8.99 15.03 -13.85
C ARG B 261 9.15 14.50 -15.27
N TYR B 262 10.15 13.66 -15.51
CA TYR B 262 10.40 13.16 -16.85
C TYR B 262 9.23 12.30 -17.34
N LEU B 263 8.69 11.44 -16.47
CA LEU B 263 7.68 10.49 -16.87
C LEU B 263 6.35 11.13 -17.23
N LYS B 264 6.11 12.39 -16.81
CA LYS B 264 4.79 12.98 -17.00
C LYS B 264 4.43 13.18 -18.47
N GLN B 265 5.43 13.15 -19.36
CA GLN B 265 5.17 13.26 -20.79
C GLN B 265 4.55 12.00 -21.39
N PHE B 266 4.56 10.89 -20.68
CA PHE B 266 4.06 9.62 -21.19
C PHE B 266 2.66 9.33 -20.65
N HIS B 267 2.06 8.24 -21.11
CA HIS B 267 0.67 7.93 -20.81
C HIS B 267 0.47 6.63 -20.02
N LEU B 268 1.48 5.79 -19.89
CA LEU B 268 1.45 4.61 -19.02
C LEU B 268 2.79 4.56 -18.27
N THR B 269 2.78 5.03 -17.04
CA THR B 269 3.99 5.20 -16.23
C THR B 269 3.77 4.64 -14.84
N PRO B 270 4.86 4.38 -14.10
CA PRO B 270 4.73 4.08 -12.66
C PRO B 270 4.96 5.32 -11.82
N VAL B 271 4.28 5.43 -10.68
CA VAL B 271 4.45 6.58 -9.80
C VAL B 271 5.17 6.13 -8.54
N MET B 272 6.49 6.16 -8.57
CA MET B 272 7.30 5.66 -7.47
C MET B 272 7.44 6.70 -6.36
N SER B 273 7.53 6.22 -5.13
CA SER B 273 7.91 7.08 -4.03
C SER B 273 9.44 7.17 -3.94
N GLN B 274 9.91 8.01 -3.03
CA GLN B 274 11.36 8.12 -2.84
C GLN B 274 11.97 6.80 -2.38
N GLU B 275 11.24 6.05 -1.54
CA GLU B 275 11.72 4.74 -1.13
C GLU B 275 11.67 3.74 -2.30
N GLU B 276 10.61 3.79 -3.10
CA GLU B 276 10.54 2.92 -4.27
C GLU B 276 11.61 3.26 -5.29
N VAL B 277 11.95 4.54 -5.40
CA VAL B 277 13.04 4.95 -6.30
C VAL B 277 14.36 4.42 -5.78
N GLU B 278 14.52 4.37 -4.45
CA GLU B 278 15.74 3.81 -3.88
C GLU B 278 15.89 2.34 -4.25
N HIS B 279 14.84 1.54 -3.98
CA HIS B 279 14.93 0.10 -4.19
C HIS B 279 15.17 -0.24 -5.65
N TRP B 280 14.57 0.52 -6.56
CA TRP B 280 14.64 0.17 -7.97
C TRP B 280 15.92 0.66 -8.64
N PHE B 281 16.56 1.71 -8.11
CA PHE B 281 17.68 2.33 -8.80
C PHE B 281 19.00 2.30 -8.05
N TYR B 282 18.99 2.10 -6.74
CA TYR B 282 20.25 2.07 -6.00
C TYR B 282 21.11 0.91 -6.50
N PRO B 283 22.33 1.16 -6.96
CA PRO B 283 23.09 0.12 -7.68
C PRO B 283 23.34 -1.12 -6.84
N GLN B 284 22.86 -2.25 -7.35
CA GLN B 284 23.29 -3.58 -6.92
C GLN B 284 23.95 -4.26 -8.11
N GLU B 285 25.23 -4.57 -7.99
CA GLU B 285 25.93 -5.18 -9.11
C GLU B 285 25.40 -6.58 -9.37
N ASN B 286 25.42 -6.96 -10.66
CA ASN B 286 24.77 -8.13 -11.23
C ASN B 286 23.25 -8.10 -11.13
N ILE B 287 22.67 -6.95 -10.81
CA ILE B 287 21.21 -6.77 -10.77
C ILE B 287 20.83 -5.49 -11.49
N ILE B 288 21.21 -4.34 -10.91
CA ILE B 288 20.78 -3.04 -11.40
C ILE B 288 21.96 -2.07 -11.37
N ASP B 289 22.11 -1.30 -12.45
CA ASP B 289 23.16 -0.28 -12.58
C ASP B 289 22.51 1.07 -12.82
N THR B 290 22.94 2.08 -12.06
CA THR B 290 22.44 3.44 -12.23
C THR B 290 23.59 4.42 -12.13
N PHE B 291 23.79 5.20 -13.19
CA PHE B 291 24.83 6.22 -13.24
C PHE B 291 24.17 7.58 -13.40
N VAL B 292 24.58 8.54 -12.59
CA VAL B 292 24.04 9.88 -12.64
C VAL B 292 25.11 10.82 -13.18
N VAL B 293 24.65 11.96 -13.72
CA VAL B 293 25.52 13.00 -14.25
C VAL B 293 25.52 14.15 -13.28
N GLU B 294 26.69 14.45 -12.71
CA GLU B 294 26.85 15.51 -11.73
C GLU B 294 27.72 16.61 -12.35
N ASN B 295 27.11 17.75 -12.67
CA ASN B 295 27.81 18.81 -13.36
C ASN B 295 28.76 19.54 -12.41
N ALA B 296 29.36 20.62 -12.89
CA ALA B 296 30.36 21.35 -12.12
C ALA B 296 29.78 22.09 -10.93
N ASN B 297 28.45 22.21 -10.85
CA ASN B 297 27.79 22.83 -9.71
C ASN B 297 27.36 21.81 -8.65
N GLY B 298 27.68 20.54 -8.86
CA GLY B 298 27.27 19.50 -7.92
C GLY B 298 25.84 19.04 -8.08
N GLU B 299 25.13 19.50 -9.10
CA GLU B 299 23.76 19.08 -9.36
C GLU B 299 23.75 17.83 -10.21
N VAL B 300 22.82 16.93 -9.91
CA VAL B 300 22.54 15.78 -10.77
C VAL B 300 21.52 16.22 -11.81
N THR B 301 21.89 16.11 -13.09
CA THR B 301 21.07 16.60 -14.18
C THR B 301 20.50 15.49 -15.05
N ASP B 302 21.11 14.31 -15.07
CA ASP B 302 20.63 13.19 -15.86
C ASP B 302 20.94 11.91 -15.12
N PHE B 303 20.37 10.80 -15.60
CA PHE B 303 20.82 9.50 -15.13
C PHE B 303 20.43 8.43 -16.14
N LEU B 304 21.26 7.40 -16.22
CA LEU B 304 21.00 6.22 -17.03
C LEU B 304 20.97 4.99 -16.13
N SER B 305 20.15 4.00 -16.51
CA SER B 305 20.10 2.77 -15.75
C SER B 305 19.86 1.59 -16.67
N PHE B 306 20.39 0.43 -16.27
CA PHE B 306 20.13 -0.81 -16.96
C PHE B 306 20.31 -1.96 -15.96
N TYR B 307 19.54 -3.03 -16.14
CA TYR B 307 19.59 -4.14 -15.21
C TYR B 307 20.19 -5.38 -15.85
N THR B 308 20.71 -6.26 -15.00
CA THR B 308 21.41 -7.46 -15.44
C THR B 308 20.42 -8.61 -15.53
N LEU B 309 20.30 -9.19 -16.74
CA LEU B 309 19.49 -10.37 -16.96
C LEU B 309 20.25 -11.31 -17.89
N PRO B 310 20.92 -12.32 -17.35
CA PRO B 310 21.60 -13.29 -18.21
C PRO B 310 20.63 -14.32 -18.75
N SER B 311 21.13 -15.12 -19.70
CA SER B 311 20.32 -16.15 -20.34
C SER B 311 21.10 -17.45 -20.39
N THR B 312 20.39 -18.56 -20.20
CA THR B 312 20.98 -19.87 -20.36
C THR B 312 20.99 -20.26 -21.83
N ILE B 313 22.17 -20.61 -22.34
CA ILE B 313 22.33 -21.04 -23.73
C ILE B 313 22.28 -22.56 -23.75
N MET B 314 21.26 -23.11 -24.41
CA MET B 314 20.93 -24.52 -24.28
C MET B 314 21.60 -25.35 -25.37
N ASN B 315 22.03 -26.55 -24.97
CA ASN B 315 22.63 -27.53 -25.88
C ASN B 315 23.93 -27.04 -26.50
N HIS B 316 24.66 -26.17 -25.79
CA HIS B 316 25.94 -25.72 -26.30
C HIS B 316 27.07 -26.23 -25.42
N PRO B 317 28.13 -26.79 -26.02
CA PRO B 317 29.20 -27.39 -25.23
C PRO B 317 30.16 -26.39 -24.60
N THR B 318 30.45 -25.30 -25.32
CA THR B 318 31.45 -24.33 -24.88
C THR B 318 30.83 -23.15 -24.13
N HIS B 319 29.97 -22.40 -24.79
CA HIS B 319 29.37 -21.21 -24.20
C HIS B 319 28.06 -21.57 -23.53
N LYS B 320 27.93 -21.21 -22.25
CA LYS B 320 26.75 -21.55 -21.46
C LYS B 320 25.84 -20.36 -21.20
N SER B 321 26.41 -19.23 -20.81
CA SER B 321 25.63 -18.06 -20.45
C SER B 321 25.73 -16.98 -21.52
N LEU B 322 24.70 -16.16 -21.60
CA LEU B 322 24.67 -14.98 -22.46
C LEU B 322 24.31 -13.79 -21.57
N LYS B 323 25.28 -12.91 -21.33
CA LYS B 323 25.12 -11.81 -20.39
C LYS B 323 24.50 -10.61 -21.11
N ALA B 324 23.31 -10.21 -20.66
CA ALA B 324 22.55 -9.15 -21.32
C ALA B 324 22.25 -8.02 -20.35
N ALA B 325 22.27 -6.80 -20.86
CA ALA B 325 21.84 -5.62 -20.13
C ALA B 325 20.51 -5.13 -20.71
N TYR B 326 19.66 -4.58 -19.84
CA TYR B 326 18.32 -4.15 -20.24
C TYR B 326 18.12 -2.70 -19.84
N SER B 327 17.94 -1.83 -20.84
CA SER B 327 17.67 -0.42 -20.56
C SER B 327 16.52 -0.29 -19.58
N PHE B 328 16.73 0.46 -18.50
CA PHE B 328 15.72 0.67 -17.47
C PHE B 328 15.00 1.99 -17.69
N TYR B 329 15.33 2.99 -16.88
CA TYR B 329 14.84 4.36 -17.05
C TYR B 329 16.04 5.28 -17.25
N ASN B 330 16.01 6.04 -18.34
CA ASN B 330 17.04 7.01 -18.66
C ASN B 330 16.37 8.38 -18.74
N VAL B 331 16.84 9.32 -17.93
CA VAL B 331 16.26 10.66 -17.84
C VAL B 331 17.32 11.67 -18.22
N HIS B 332 16.99 12.55 -19.17
CA HIS B 332 17.87 13.61 -19.62
C HIS B 332 17.20 14.95 -19.40
N THR B 333 17.93 15.89 -18.80
CA THR B 333 17.50 17.28 -18.72
C THR B 333 18.58 18.25 -19.18
N GLN B 334 19.84 17.86 -19.21
CA GLN B 334 20.90 18.70 -19.78
C GLN B 334 21.89 17.94 -20.66
N THR B 335 22.19 16.69 -20.38
CA THR B 335 22.88 15.87 -21.37
C THR B 335 21.91 15.46 -22.48
N PRO B 336 22.34 15.46 -23.74
CA PRO B 336 21.48 14.87 -24.78
C PRO B 336 21.38 13.36 -24.59
N LEU B 337 20.17 12.83 -24.87
CA LEU B 337 19.91 11.42 -24.63
C LEU B 337 20.85 10.52 -25.42
N LEU B 338 21.23 10.94 -26.64
CA LEU B 338 22.08 10.10 -27.48
C LEU B 338 23.44 9.88 -26.83
N ASP B 339 24.04 10.94 -26.27
CA ASP B 339 25.31 10.77 -25.57
C ASP B 339 25.14 9.91 -24.32
N LEU B 340 24.03 10.10 -23.59
CA LEU B 340 23.80 9.35 -22.36
C LEU B 340 23.78 7.84 -22.63
N MET B 341 22.95 7.42 -23.60
CA MET B 341 22.84 5.99 -23.89
C MET B 341 24.13 5.45 -24.48
N SER B 342 24.90 6.28 -25.18
CA SER B 342 26.21 5.86 -25.64
C SER B 342 27.08 5.42 -24.47
N ASP B 343 27.12 6.23 -23.41
CA ASP B 343 27.88 5.87 -22.22
C ASP B 343 27.32 4.61 -21.56
N ALA B 344 26.01 4.39 -21.66
CA ALA B 344 25.44 3.13 -21.18
C ALA B 344 26.02 1.95 -21.95
N LEU B 345 26.07 2.05 -23.28
CA LEU B 345 26.67 1.00 -24.09
C LEU B 345 28.13 0.80 -23.72
N VAL B 346 28.87 1.89 -23.51
CA VAL B 346 30.25 1.78 -23.06
C VAL B 346 30.30 1.14 -21.68
N LEU B 347 29.54 1.70 -20.73
CA LEU B 347 29.52 1.15 -19.39
C LEU B 347 29.14 -0.32 -19.39
N ALA B 348 28.17 -0.71 -20.22
CA ALA B 348 27.80 -2.12 -20.34
C ALA B 348 28.96 -2.94 -20.90
N LYS B 349 29.72 -2.37 -21.83
CA LYS B 349 30.89 -3.06 -22.37
C LYS B 349 31.93 -3.31 -21.28
N MET B 350 32.25 -2.29 -20.49
CA MET B 350 33.26 -2.48 -19.45
C MET B 350 32.88 -3.53 -18.42
N LYS B 351 31.63 -3.97 -18.38
CA LYS B 351 31.15 -4.86 -17.33
C LYS B 351 30.90 -6.28 -17.82
N GLY B 352 31.36 -6.61 -19.03
CA GLY B 352 31.27 -7.95 -19.54
C GLY B 352 30.02 -8.27 -20.34
N PHE B 353 29.11 -7.31 -20.50
CA PHE B 353 27.84 -7.59 -21.17
C PHE B 353 28.07 -7.89 -22.65
N ASP B 354 27.47 -8.98 -23.13
CA ASP B 354 27.61 -9.37 -24.53
C ASP B 354 26.65 -8.62 -25.44
N VAL B 355 25.50 -8.20 -24.91
CA VAL B 355 24.50 -7.47 -25.67
C VAL B 355 23.81 -6.47 -24.76
N PHE B 356 23.31 -5.39 -25.36
CA PHE B 356 22.55 -4.37 -24.65
C PHE B 356 21.19 -4.26 -25.32
N ASN B 357 20.13 -4.55 -24.56
CA ASN B 357 18.77 -4.54 -25.08
C ASN B 357 18.02 -3.31 -24.60
N ALA B 358 17.10 -2.83 -25.45
CA ALA B 358 16.21 -1.74 -25.12
C ALA B 358 14.96 -1.87 -25.97
N LEU B 359 13.83 -1.39 -25.44
CA LEU B 359 12.60 -1.35 -26.20
C LEU B 359 12.56 -0.06 -27.03
N ASP B 360 11.52 0.08 -27.85
CA ASP B 360 11.30 1.31 -28.59
C ASP B 360 10.30 2.23 -27.90
N LEU B 361 9.87 1.87 -26.69
CA LEU B 361 9.00 2.76 -25.93
C LEU B 361 9.76 4.00 -25.50
N MET B 362 9.00 4.91 -24.88
CA MET B 362 9.53 6.20 -24.40
C MET B 362 10.20 6.89 -25.61
N GLU B 363 11.24 7.68 -25.37
CA GLU B 363 11.98 8.36 -26.44
C GLU B 363 13.03 7.48 -27.11
N ASN B 364 13.02 6.17 -26.82
CA ASN B 364 14.12 5.31 -27.25
C ASN B 364 14.31 5.30 -28.76
N LYS B 365 13.27 5.60 -29.54
CA LYS B 365 13.41 5.53 -30.99
C LYS B 365 14.29 6.63 -31.56
N THR B 366 14.64 7.65 -30.78
CA THR B 366 15.51 8.72 -31.27
C THR B 366 16.99 8.38 -31.16
N PHE B 367 17.35 7.20 -30.65
CA PHE B 367 18.76 6.81 -30.62
C PHE B 367 19.03 5.38 -31.03
N LEU B 368 18.03 4.52 -31.16
CA LEU B 368 18.27 3.11 -31.43
C LEU B 368 19.01 2.91 -32.73
N GLU B 369 18.48 3.45 -33.84
CA GLU B 369 19.15 3.32 -35.13
C GLU B 369 20.54 3.94 -35.12
N LYS B 370 20.70 5.08 -34.44
CA LYS B 370 21.97 5.80 -34.49
C LYS B 370 23.06 5.12 -33.66
N LEU B 371 22.70 4.31 -32.67
CA LEU B 371 23.69 3.63 -31.85
C LEU B 371 23.87 2.17 -32.25
N LYS B 372 23.55 1.82 -33.49
CA LYS B 372 23.75 0.48 -34.04
C LYS B 372 22.91 -0.58 -33.32
N PHE B 373 21.65 -0.23 -33.01
CA PHE B 373 20.70 -1.21 -32.49
C PHE B 373 20.04 -1.94 -33.65
N GLY B 374 19.99 -3.26 -33.55
CA GLY B 374 19.31 -4.08 -34.54
C GLY B 374 17.91 -4.45 -34.07
N ILE B 375 16.95 -4.44 -34.99
CA ILE B 375 15.58 -4.75 -34.63
C ILE B 375 15.46 -6.22 -34.25
N GLY B 376 14.53 -6.51 -33.35
CA GLY B 376 14.38 -7.84 -32.79
C GLY B 376 13.14 -8.57 -33.29
N ASP B 377 13.11 -9.87 -33.03
CA ASP B 377 12.01 -10.73 -33.43
C ASP B 377 10.96 -10.88 -32.33
N GLY B 378 11.02 -10.06 -31.29
CA GLY B 378 10.09 -10.20 -30.19
C GLY B 378 9.37 -8.90 -29.83
N ASN B 379 8.05 -8.91 -29.89
CA ASN B 379 7.25 -7.82 -29.38
C ASN B 379 6.95 -8.04 -27.90
N LEU B 380 6.90 -6.95 -27.15
CA LEU B 380 6.43 -6.98 -25.77
C LEU B 380 5.12 -6.22 -25.71
N GLN B 381 4.04 -6.92 -25.40
CA GLN B 381 2.73 -6.30 -25.24
C GLN B 381 2.55 -5.85 -23.79
N TYR B 382 1.90 -4.71 -23.61
CA TYR B 382 1.50 -4.22 -22.30
C TYR B 382 -0.01 -4.38 -22.16
N TYR B 383 -0.45 -4.76 -20.96
CA TYR B 383 -1.85 -5.01 -20.71
C TYR B 383 -2.28 -4.36 -19.40
N LEU B 384 -3.56 -4.00 -19.33
CA LEU B 384 -4.19 -3.56 -18.10
C LEU B 384 -5.36 -4.48 -17.81
N TYR B 385 -5.36 -5.06 -16.62
CA TYR B 385 -6.46 -5.92 -16.19
C TYR B 385 -7.55 -5.06 -15.55
N ASN B 386 -8.78 -5.20 -16.06
CA ASN B 386 -9.95 -4.52 -15.50
C ASN B 386 -9.84 -3.01 -15.64
N TRP B 387 -9.41 -2.55 -16.82
CA TRP B 387 -9.35 -1.12 -17.09
C TRP B 387 -9.52 -0.91 -18.60
N LYS B 388 -10.66 -0.35 -18.99
CA LYS B 388 -10.90 0.03 -20.37
C LYS B 388 -10.28 1.39 -20.65
N CYS B 389 -9.50 1.49 -21.71
CA CYS B 389 -8.86 2.74 -22.08
C CYS B 389 -8.38 2.64 -23.52
N PRO B 390 -8.18 3.77 -24.21
CA PRO B 390 -7.68 3.71 -25.58
C PRO B 390 -6.22 3.29 -25.61
N SER B 391 -5.87 2.43 -26.56
CA SER B 391 -4.49 1.99 -26.69
C SER B 391 -3.61 3.14 -27.15
N MET B 392 -2.30 2.96 -26.96
CA MET B 392 -1.33 4.01 -27.22
C MET B 392 -0.15 3.46 -28.00
N GLY B 393 0.51 4.34 -28.74
CA GLY B 393 1.74 3.97 -29.41
C GLY B 393 2.86 3.70 -28.43
N ALA B 394 3.87 2.97 -28.91
CA ALA B 394 4.99 2.58 -28.05
C ALA B 394 5.68 3.81 -27.46
N GLU B 395 5.82 4.88 -28.24
CA GLU B 395 6.54 6.06 -27.78
C GLU B 395 5.92 6.69 -26.54
N LYS B 396 4.66 6.37 -26.24
CA LYS B 396 3.99 6.91 -25.06
C LYS B 396 3.92 5.91 -23.91
N VAL B 397 4.34 4.66 -24.13
CA VAL B 397 4.47 3.72 -23.03
C VAL B 397 5.71 4.06 -22.22
N GLY B 398 5.56 4.18 -20.91
CA GLY B 398 6.67 4.56 -20.06
C GLY B 398 6.84 3.65 -18.86
N LEU B 399 6.83 2.34 -19.08
CA LEU B 399 6.91 1.37 -18.01
C LEU B 399 7.92 0.29 -18.37
N VAL B 400 8.81 -0.02 -17.44
CA VAL B 400 9.77 -1.12 -17.60
C VAL B 400 9.67 -2.06 -16.40
N GLY C 1 -5.71 10.27 17.54
N GLY C 1 -4.94 11.23 18.34
CA GLY C 1 -5.67 10.15 18.99
CA GLY C 1 -5.52 10.19 19.17
C GLY C 1 -6.99 10.46 19.65
C GLY C 1 -6.91 10.49 19.70
N ASN C 2 -7.37 9.65 20.62
CA ASN C 2 -8.66 9.82 21.27
C ASN C 2 -8.63 11.00 22.24
N CYS C 3 -9.78 11.26 22.85
CA CYS C 3 -9.89 12.14 24.01
C CYS C 3 -10.77 11.44 25.03
N PHE C 4 -10.55 11.74 26.31
CA PHE C 4 -11.34 11.13 27.36
C PHE C 4 -12.47 12.07 27.74
N SER C 5 -13.67 11.75 27.24
CA SER C 5 -14.88 12.46 27.64
C SER C 5 -15.54 11.73 28.80
N LYS C 6 -16.55 12.37 29.37
CA LYS C 6 -17.33 11.82 30.48
C LYS C 6 -18.57 12.69 30.66
N PRO C 7 -19.63 12.16 31.29
CA PRO C 7 -20.92 12.86 31.28
C PRO C 7 -20.82 14.28 31.83
N ARG C 8 -21.42 15.22 31.11
CA ARG C 8 -21.48 16.61 31.56
C ARG C 8 -22.35 16.69 32.81
N GLY D 1 5.17 -11.63 -17.90
N GLY D 1 5.17 -11.64 -17.75
CA GLY D 1 6.52 -11.21 -17.63
CA GLY D 1 6.56 -11.27 -17.61
C GLY D 1 7.26 -10.81 -18.89
C GLY D 1 7.26 -10.87 -18.89
N ASN D 2 8.59 -10.76 -18.81
CA ASN D 2 9.39 -10.34 -19.94
C ASN D 2 9.41 -11.42 -21.02
N CYS D 3 9.51 -10.98 -22.27
CA CYS D 3 9.64 -11.88 -23.40
C CYS D 3 11.07 -11.88 -23.90
N PHE D 4 11.43 -12.94 -24.61
CA PHE D 4 12.78 -13.08 -25.15
C PHE D 4 12.80 -12.65 -26.62
N SER D 5 13.86 -11.96 -27.01
CA SER D 5 13.99 -11.47 -28.37
C SER D 5 15.40 -11.70 -28.87
N LYS D 6 15.51 -12.12 -30.13
CA LYS D 6 16.73 -12.16 -30.90
C LYS D 6 16.72 -11.05 -31.94
N PRO D 7 17.87 -10.63 -32.45
CA PRO D 7 17.86 -9.80 -33.66
C PRO D 7 17.18 -10.56 -34.79
N ARG D 8 16.41 -9.84 -35.60
CA ARG D 8 15.69 -10.49 -36.70
C ARG D 8 16.57 -10.57 -37.95
C1 GOL E . -9.63 19.50 7.00
O1 GOL E . -8.77 19.55 8.12
C2 GOL E . -9.88 20.93 6.54
O2 GOL E . -10.06 20.92 5.15
C3 GOL E . -11.14 21.46 7.21
O3 GOL E . -12.23 21.36 6.31
C1 GOL F . -5.81 -2.46 -21.62
O1 GOL F . -5.63 -3.85 -21.42
C2 GOL F . -7.09 -2.22 -22.40
O2 GOL F . -7.74 -1.09 -21.87
C3 GOL F . -6.75 -1.97 -23.87
O3 GOL F . -6.16 -0.69 -24.00
C1 GOL G . -13.88 -15.34 -13.51
O1 GOL G . -13.49 -16.15 -12.44
C2 GOL G . -15.09 -14.49 -13.12
O2 GOL G . -15.92 -15.27 -12.29
C3 GOL G . -14.63 -13.24 -12.37
O3 GOL G . -14.99 -12.06 -13.07
N1A COA H . 0.11 -14.60 -20.11
C2A COA H . -1.22 -14.70 -19.83
N3A COA H . -1.97 -15.73 -20.32
C4A COA H . -1.38 -16.67 -21.11
C5A COA H . -0.06 -16.57 -21.40
C6A COA H . 0.69 -15.52 -20.88
N6A COA H . 2.14 -15.12 -21.00
N7A COA H . 0.26 -17.62 -22.19
C8A COA H . -0.87 -18.36 -22.39
N9A COA H . -1.86 -17.77 -21.72
C1B COA H . -3.20 -18.25 -21.70
C2B COA H . -3.54 -18.79 -22.86
O2B COA H . -3.94 -17.74 -23.79
C3B COA H . -4.77 -19.64 -22.44
O3B COA H . -5.84 -18.85 -22.26
P3B COA H . -6.97 -18.82 -23.49
O7A COA H . -7.78 -17.54 -23.41
O8A COA H . -7.91 -20.00 -23.39
O9A COA H . -6.26 -18.87 -24.82
C4B COA H . -4.32 -20.27 -21.05
O4B COA H . -3.37 -19.48 -20.60
C5B COA H . -3.79 -21.67 -21.37
O5B COA H . -3.86 -22.53 -20.26
P1A COA H . -2.65 -23.66 -20.18
O1A COA H . -2.70 -24.50 -18.92
O2A COA H . -2.77 -24.57 -21.37
O3A COA H . -1.18 -22.82 -20.27
P2A COA H . 0.35 -23.57 -20.16
O4A COA H . 0.92 -23.81 -21.56
O5A COA H . 0.22 -24.90 -19.42
O6A COA H . 1.32 -22.50 -19.30
CBP COA H . 2.58 -20.52 -19.18
CCP COA H . 1.20 -21.10 -19.58
CDP COA H . 2.78 -19.14 -19.84
CEP COA H . 2.58 -20.41 -17.69
CAP COA H . 3.57 -21.54 -19.70
OAP COA H . 3.45 -21.61 -21.09
C9P COA H . 5.04 -21.26 -19.35
O9P COA H . 5.42 -21.37 -18.24
N8P COA H . 5.96 -20.87 -20.42
C7P COA H . 7.41 -20.58 -20.15
C6P COA H . 7.48 -19.28 -19.31
C5P COA H . 6.64 -18.19 -19.98
O5P COA H . 6.75 -18.02 -21.17
N4P COA H . 5.74 -17.36 -19.17
C3P COA H . 4.95 -16.30 -19.81
C2P COA H . 5.39 -14.90 -19.20
S1P COA H . 4.39 -13.61 -20.01
MG MG I . 18.29 17.60 -23.18
S1 MYA J . -4.18 13.25 19.30
S1 MYA J . -4.13 13.42 19.33
C2 MYA J . -3.64 12.66 20.95
C2 MYA J . -3.72 12.81 21.01
C3 MYA J . -2.71 13.66 21.65
C3 MYA J . -2.86 13.80 21.78
N4 MYA J . -2.08 13.02 22.81
N4 MYA J . -2.18 13.11 22.88
C5 MYA J . -2.27 13.49 24.05
C5 MYA J . -2.30 13.53 24.15
O5 MYA J . -2.95 14.47 24.31
O5 MYA J . -2.98 14.50 24.48
C6 MYA J . -1.55 12.69 25.13
C6 MYA J . -1.53 12.70 25.18
C7 MYA J . -1.20 13.62 26.30
C7 MYA J . -1.13 13.61 26.34
N8 MYA J . -0.39 14.77 25.84
N8 MYA J . -0.34 14.76 25.86
C9 MYA J . 0.82 14.66 25.29
C9 MYA J . 0.87 14.65 25.28
O9 MYA J . 1.42 13.60 25.12
O9 MYA J . 1.48 13.60 25.09
C10 MYA J . 1.49 16.00 24.93
C10 MYA J . 1.51 16.00 24.90
O10 MYA J . 0.92 17.04 25.74
O10 MYA J . 0.92 17.05 25.68
C11 MYA J . 1.32 16.37 23.45
C11 MYA J . 1.38 16.33 23.39
C12 MYA J . 1.88 17.78 23.27
C12 MYA J . 1.89 17.77 23.23
C13 MYA J . -0.16 16.35 23.03
C13 MYA J . -0.07 16.21 22.92
C14 MYA J . 2.12 15.41 22.57
C14 MYA J . 2.28 15.41 22.56
N1A MYA J . -2.27 17.11 18.49
N1A MYA J . -2.23 17.16 18.37
O1A MYA J . 5.96 20.02 22.55
O1A MYA J . 5.94 20.13 22.53
P1A MYA J . 4.79 20.92 22.73
P1A MYA J . 4.75 20.98 22.69
C1X MYA J . 0.49 21.49 19.36
C1X MYA J . 0.53 21.53 19.19
C2A MYA J . -1.55 17.84 17.55
C2A MYA J . -1.55 17.89 17.40
O2A MYA J . 4.91 22.10 23.61
O2A MYA J . 4.81 22.17 23.55
P2A MYA J . 3.56 19.33 24.65
P2A MYA J . 3.61 19.32 24.58
C2M MYA J . -3.15 12.19 18.29
C2M MYA J . -3.84 11.94 18.37
O2M MYA J . -2.60 11.18 18.74
O2M MYA J . -2.79 11.20 19.00
C2X MYA J . 0.50 22.68 20.31
C2X MYA J . 0.52 22.70 20.17
O2X MYA J . -0.72 23.42 20.23
O2X MYA J . -0.71 23.45 20.10
N3A MYA J . -0.87 18.99 17.96
N3A MYA J . -0.87 19.04 17.80
O3A MYA J . 3.54 20.00 23.19
O3A MYA J . 3.54 20.04 23.15
C3M MYA J . -3.00 12.58 16.83
C3M MYA J . -3.45 12.36 16.94
C3X MYA J . 1.65 23.44 19.73
C3X MYA J . 1.68 23.48 19.62
O3X MYA J . 1.35 23.86 18.38
O3X MYA J . 1.41 23.91 18.29
P3X MYA J . 1.02 25.40 18.12
P3X MYA J . 0.99 25.43 18.06
C4A MYA J . -0.92 19.36 19.24
C4A MYA J . -0.87 19.40 19.09
O4A MYA J . 4.88 18.67 24.83
O4A MYA J . 3.04 20.24 25.58
C4M MYA J . -2.08 13.79 16.76
C4M MYA J . -2.37 13.43 16.98
C4X MYA J . 2.65 22.30 19.75
C4X MYA J . 2.68 22.33 19.65
O4X MYA J . 1.91 21.15 19.22
O4X MYA J . 1.95 21.22 19.04
C5A MYA J . -1.62 18.64 20.14
C5A MYA J . -1.53 18.67 19.99
O5A MYA J . 3.10 20.35 25.62
O5A MYA J . 5.00 18.82 24.76
C5M MYA J . -1.88 14.17 15.30
C5M MYA J . -2.21 14.03 15.57
C5X MYA J . 3.02 22.03 21.21
C5X MYA J . 2.97 21.99 21.11
O5X MYA J . 4.30 21.43 21.30
O5X MYA J . 4.28 21.46 21.24
C6A MYA J . -2.28 17.54 19.76
C6A MYA J . -2.19 17.58 19.64
N6A MYA J . -2.94 16.90 20.71
N6A MYA J . -2.82 16.93 20.61
O6A MYA J . 2.41 18.21 24.53
O6A MYA J . 2.65 18.05 24.41
C6M MYA J . -0.80 15.25 15.22
C6M MYA J . -1.01 14.99 15.53
N7A MYA J . -1.51 19.23 21.32
N7A MYA J . -1.37 19.25 21.18
O7A MYA J . 0.70 25.39 16.67
O7A MYA J . -0.25 25.52 18.86
C7M MYA J . -0.86 15.90 13.85
C7M MYA J . -1.00 15.75 14.20
C8A MYA J . -0.74 20.31 21.17
C8A MYA J . -0.61 20.34 21.01
O8A MYA J . -0.13 25.66 19.00
O8A MYA J . 2.13 26.18 18.62
C8M MYA J . -0.52 14.88 12.76
C8M MYA J . -0.62 14.79 13.06
N9A MYA J . -0.39 20.40 19.89
N9A MYA J . -0.30 20.43 19.73
O9A MYA J . 2.27 26.11 18.45
O9A MYA J . 0.79 25.55 16.61
C9M MYA J . -0.36 15.58 11.42
C9M MYA J . -0.44 15.58 11.75
CAM MYA J . -0.31 14.56 10.29
CAM MYA J . -0.30 14.60 10.58
CBM MYA J . 1.14 14.07 10.07
CBM MYA J . 1.19 14.38 10.27
CCM MYA J . 1.19 13.05 8.94
CCM MYA J . 1.36 13.23 9.27
CDM MYA J . 1.40 13.76 7.60
CDM MYA J . 1.18 13.75 7.84
CEM MYA J . 1.30 12.73 6.47
CEM MYA J . 1.52 12.63 6.85
CFM MYA J . 1.64 13.40 5.15
CFM MYA J . 1.50 13.17 5.42
C1 MYR K . 4.25 -12.16 -16.94
O1 MYR K . 4.55 -13.04 -16.10
C2 MYR K . 2.81 -11.68 -17.05
C3 MYR K . 1.79 -12.80 -16.80
C4 MYR K . 0.39 -12.20 -16.81
C5 MYR K . -0.69 -13.21 -16.46
C6 MYR K . -2.05 -12.51 -16.49
C7 MYR K . -2.50 -12.11 -15.08
C8 MYR K . -3.21 -10.76 -15.11
C9 MYR K . -4.33 -10.72 -14.06
C10 MYR K . -3.72 -10.45 -12.70
C11 MYR K . -4.78 -10.32 -11.61
C12 MYR K . -5.27 -8.88 -11.51
C13 MYR K . -5.71 -8.58 -10.08
C14 MYR K . -6.60 -7.34 -10.06
S1 MYA L . 3.87 -13.55 -18.96
C2 MYA L . 5.25 -14.74 -18.82
C3 MYA L . 5.07 -15.98 -19.70
N4 MYA L . 5.87 -17.09 -19.18
C5 MYA L . 6.46 -17.98 -19.98
O5 MYA L . 6.41 -17.96 -21.20
C6 MYA L . 7.26 -19.09 -19.26
C7 MYA L . 7.19 -20.37 -20.09
N8 MYA L . 5.79 -20.76 -20.29
C9 MYA L . 5.01 -21.23 -19.29
O9 MYA L . 5.39 -21.40 -18.14
C10 MYA L . 3.58 -21.59 -19.72
O10 MYA L . 3.53 -21.69 -21.15
C11 MYA L . 2.51 -20.58 -19.26
C12 MYA L . 1.18 -21.16 -19.72
C13 MYA L . 2.76 -19.20 -19.87
C14 MYA L . 2.48 -20.49 -17.72
N1A MYA L . -0.04 -14.53 -20.05
O1A MYA L . -2.67 -24.37 -18.91
P1A MYA L . -2.47 -23.60 -20.15
C1X MYA L . -3.25 -18.37 -21.61
C2A MYA L . -1.39 -14.67 -19.70
O2A MYA L . -2.54 -24.29 -21.44
P2A MYA L . 0.28 -23.59 -20.18
C2M MYA L . 4.23 -12.50 -17.57
O2M MYA L . 4.68 -13.30 -16.46
C2X MYA L . -3.52 -19.09 -22.90
O2X MYA L . -3.73 -18.16 -23.98
N3A MYA L . -2.08 -15.76 -20.22
O3A MYA L . -1.09 -22.81 -20.06
C3M MYA L . 2.95 -11.75 -17.19
C3X MYA L . -4.79 -19.76 -22.50
O3X MYA L . -5.83 -18.78 -22.33
P3X MYA L . -6.97 -18.76 -23.42
C4A MYA L . -1.46 -16.64 -21.01
O4A MYA L . 0.64 -23.71 -21.61
C4M MYA L . 1.94 -12.73 -16.59
C4X MYA L . -4.35 -20.35 -21.17
O4X MYA L . -3.32 -19.45 -20.66
C5A MYA L . -0.18 -16.49 -21.31
O5A MYA L . 0.18 -24.82 -19.36
C5M MYA L . 0.54 -12.09 -16.55
C5X MYA L . -3.68 -21.69 -21.43
O5X MYA L . -3.52 -22.40 -20.20
C6A MYA L . 0.52 -15.45 -20.84
N6A MYA L . 1.80 -15.38 -21.19
O6A MYA L . 1.27 -22.56 -19.46
C6M MYA L . -0.51 -13.19 -16.32
N7A MYA L . 0.19 -17.49 -22.11
O7A MYA L . -6.18 -18.80 -24.67
C7M MYA L . -1.89 -12.55 -16.33
C8A MYA L . -0.86 -18.27 -22.29
O8A MYA L . -7.75 -19.99 -23.17
C8M MYA L . -2.12 -11.82 -15.01
N9A MYA L . -1.89 -17.75 -21.63
O9A MYA L . -7.68 -17.50 -23.18
C9M MYA L . -3.50 -11.15 -15.03
CAM MYA L . -3.66 -10.24 -13.82
CBM MYA L . -4.48 -10.96 -12.75
CCM MYA L . -4.32 -10.25 -11.40
CDM MYA L . -5.18 -8.97 -11.37
CEM MYA L . -5.76 -8.78 -9.97
CFM MYA L . -6.55 -7.47 -9.91
#